data_6VU8
#
_entry.id   6VU8
#
_cell.length_a   1.00
_cell.length_b   1.00
_cell.length_c   1.00
_cell.angle_alpha   90.00
_cell.angle_beta   90.00
_cell.angle_gamma   90.00
#
_symmetry.space_group_name_H-M   'P 1'
#
loop_
_entity.id
_entity.type
_entity.pdbx_description
1 polymer 'Resistance to inhibitors of cholinesterase 8 homolog A (C. elegans)'
2 polymer 'Guanine nucleotide-binding protein G(i) subunit alpha-1'
#
loop_
_entity_poly.entity_id
_entity_poly.type
_entity_poly.pdbx_seq_one_letter_code
_entity_poly.pdbx_strand_id
1 'polypeptide(L)'
;QGEFMEPRAVADALETGEEDAVTEALRSFNREHSQSFTFDDAQQEDRKRLAKLLVSVLEQGLSPKHRVTWLQTIRILSRD
RSCLDSFASRQSLHALACYADIAISEEPIPQPPDMDVLLESLKCLCNLVLSSPTAQMLAAEARLVVRLAERVGLYRKRSY
PHEVQFFDLRLLFLLTALRTDVRQQLFQELHGVRLLTDALELTLGVAPKENPLVILPAQETERAMEILKVLFNITFDSVK
REVDEEDAALYRYLGTLLRHCVMADAAGDRTEEFHGHTVNLLGNLPLKCLDVLLALELHEGSLEFMGVNMDVINALLAFL
EKRLHQTHRLKECVAPVLSVLTECARMHRPARKFLKAQVLPPLRDVRTRPEVGDLLRNKLVRLMTHLDTDVKRVAAEFLF
VLCSESVPRFIKYTGYGNAAGLLAARGLMAGGRPEGQY(SEP)EDED(TPO)DTEEYREAKASINPVTGRVEEKPPNPME
GMTEEQKEHEAMKLVNMFDKLSRHRLIQPMGMSPRGHLTSLQDAMCETMEGQLSSDPDSDPD
;
A
2 'polypeptide(L)'
;GCTLSAEDKAAVERSKMIDRNLREDGEKAAREVKLLLLGAGESGKSTIVKQMKIIHEAGYSEEECKQYKAVVYSNTIQSI
IAIIRAMGRLKIDFGDSARADDARQLFVLAGAAEEGFMHHHHHHTAELAGVIKRLWKDSGVQACFNRSREYQLNDSAAYY
LNDLDRIAQPNYIPTQQDVLRTRVKTTGIVETHFTFKDLHFKMFDVGGQRSERKKWIHCFEGVTAIIFCVALSDYDLVLA
EDEEMNRMHESMKLFDSICNNKWFTDTSIILFLNKKDLFEEKIKKSPLTICYPEYAGSNTYEEAAAYIQCQFEDLNKRKD
TKEIYTHFTCATDTKNVQFVFDAVTDVIIKNNLKDCGLF
;
B
#
# COMPACT_ATOMS: atom_id res chain seq x y z
N GLY A 2 -44.58 4.55 -26.73
CA GLY A 2 -43.91 3.67 -27.67
C GLY A 2 -43.89 2.22 -27.24
N GLU A 3 -42.72 1.61 -27.27
CA GLU A 3 -42.56 0.21 -26.85
C GLU A 3 -41.38 -0.02 -25.91
N PHE A 4 -40.37 0.86 -25.91
CA PHE A 4 -39.24 0.80 -25.00
C PHE A 4 -38.97 2.22 -24.49
N MET A 5 -40.03 2.85 -24.00
CA MET A 5 -40.16 4.29 -23.92
C MET A 5 -39.17 4.92 -22.95
N GLU A 6 -39.02 6.23 -23.09
CA GLU A 6 -38.10 7.03 -22.30
C GLU A 6 -38.71 7.32 -20.94
N PRO A 7 -37.93 7.87 -20.01
CA PRO A 7 -38.53 8.45 -18.79
C PRO A 7 -39.44 9.63 -19.04
N ARG A 8 -39.37 10.28 -20.20
CA ARG A 8 -40.31 11.34 -20.53
C ARG A 8 -41.72 10.80 -20.69
N ALA A 9 -41.86 9.60 -21.24
CA ALA A 9 -43.20 9.04 -21.43
C ALA A 9 -43.81 8.61 -20.11
N VAL A 10 -43.00 8.06 -19.20
CA VAL A 10 -43.54 7.70 -17.91
C VAL A 10 -43.73 8.93 -17.02
N ALA A 11 -43.11 10.06 -17.39
CA ALA A 11 -43.35 11.31 -16.67
C ALA A 11 -44.80 11.79 -16.85
N ASP A 12 -45.27 11.82 -18.09
CA ASP A 12 -46.68 12.14 -18.33
C ASP A 12 -47.58 10.92 -18.19
N ALA A 13 -47.03 9.74 -17.94
CA ALA A 13 -47.86 8.58 -17.64
C ALA A 13 -48.13 8.40 -16.15
N LEU A 14 -47.26 8.91 -15.28
CA LEU A 14 -47.47 8.74 -13.84
C LEU A 14 -48.51 9.73 -13.32
N GLU A 15 -48.70 10.86 -14.00
CA GLU A 15 -49.72 11.83 -13.57
C GLU A 15 -51.12 11.29 -13.76
N THR A 16 -51.32 10.38 -14.72
CA THR A 16 -52.56 9.62 -14.84
C THR A 16 -52.38 8.35 -14.01
N GLY A 17 -52.50 8.51 -12.70
CA GLY A 17 -52.11 7.50 -11.75
C GLY A 17 -53.01 6.27 -11.66
N GLU A 18 -53.23 5.60 -12.78
CA GLU A 18 -53.87 4.29 -12.74
C GLU A 18 -52.83 3.28 -12.28
N GLU A 19 -53.14 2.58 -11.17
CA GLU A 19 -52.11 1.86 -10.42
C GLU A 19 -51.56 0.67 -11.19
N ASP A 20 -52.42 -0.11 -11.84
CA ASP A 20 -51.93 -1.21 -12.66
C ASP A 20 -51.23 -0.69 -13.91
N ALA A 21 -51.71 0.43 -14.47
CA ALA A 21 -51.06 1.01 -15.63
C ALA A 21 -49.71 1.61 -15.27
N VAL A 22 -49.59 2.26 -14.12
CA VAL A 22 -48.32 2.86 -13.76
C VAL A 22 -47.32 1.79 -13.31
N THR A 23 -47.79 0.69 -12.70
CA THR A 23 -46.86 -0.40 -12.42
C THR A 23 -46.50 -1.17 -13.68
N GLU A 24 -47.38 -1.16 -14.69
CA GLU A 24 -47.02 -1.72 -15.99
C GLU A 24 -45.95 -0.88 -16.66
N ALA A 25 -46.06 0.45 -16.52
CA ALA A 25 -45.03 1.34 -17.04
C ALA A 25 -43.71 1.14 -16.33
N LEU A 26 -43.75 0.94 -15.00
CA LEU A 26 -42.53 0.67 -14.24
C LEU A 26 -41.90 -0.66 -14.64
N ARG A 27 -42.72 -1.71 -14.69
CA ARG A 27 -42.28 -3.06 -15.03
C ARG A 27 -41.88 -3.22 -16.47
N SER A 28 -42.26 -2.28 -17.35
CA SER A 28 -41.72 -2.26 -18.69
C SER A 28 -40.50 -1.37 -18.82
N PHE A 29 -40.34 -0.38 -17.93
CA PHE A 29 -39.15 0.44 -17.99
C PHE A 29 -37.93 -0.28 -17.43
N ASN A 30 -38.08 -0.99 -16.31
CA ASN A 30 -36.90 -1.50 -15.63
C ASN A 30 -36.26 -2.67 -16.37
N ARG A 31 -37.06 -3.48 -17.06
CA ARG A 31 -36.50 -4.60 -17.81
C ARG A 31 -35.76 -4.14 -19.05
N GLU A 32 -36.04 -2.93 -19.56
CA GLU A 32 -35.32 -2.41 -20.70
C GLU A 32 -33.91 -1.97 -20.31
N HIS A 33 -33.79 -1.26 -19.19
CA HIS A 33 -32.53 -0.65 -18.77
C HIS A 33 -31.82 -1.51 -17.73
N SER A 34 -31.93 -2.83 -17.86
CA SER A 34 -31.75 -3.82 -16.79
C SER A 34 -30.42 -3.75 -16.04
N GLN A 35 -29.30 -4.00 -16.72
CA GLN A 35 -28.00 -3.94 -16.06
C GLN A 35 -27.03 -2.99 -16.76
N SER A 36 -27.53 -2.15 -17.66
CA SER A 36 -26.67 -1.20 -18.36
C SER A 36 -26.21 -0.11 -17.40
N PHE A 37 -24.89 0.03 -17.25
CA PHE A 37 -24.31 1.02 -16.37
C PHE A 37 -24.22 2.40 -16.99
N THR A 38 -24.61 2.55 -18.24
CA THR A 38 -24.57 3.83 -18.92
C THR A 38 -25.98 4.26 -19.29
N PHE A 39 -26.08 5.35 -20.05
CA PHE A 39 -27.35 6.01 -20.31
C PHE A 39 -27.17 6.94 -21.51
N ASP A 40 -28.19 7.74 -21.80
CA ASP A 40 -28.11 8.84 -22.74
C ASP A 40 -28.22 10.14 -21.97
N ASP A 41 -27.77 11.23 -22.61
CA ASP A 41 -27.73 12.53 -21.95
C ASP A 41 -28.78 13.52 -22.45
N ALA A 42 -29.50 13.19 -23.52
CA ALA A 42 -30.46 14.12 -24.11
C ALA A 42 -31.81 14.14 -23.41
N GLN A 43 -31.96 13.39 -22.32
CA GLN A 43 -33.23 13.27 -21.60
C GLN A 43 -33.02 13.52 -20.11
N GLN A 44 -32.09 14.41 -19.76
CA GLN A 44 -31.55 14.48 -18.41
C GLN A 44 -32.53 15.13 -17.42
N GLU A 45 -33.10 16.27 -17.79
CA GLU A 45 -34.05 16.93 -16.91
C GLU A 45 -35.34 16.14 -16.77
N ASP A 46 -35.68 15.33 -17.78
CA ASP A 46 -36.78 14.39 -17.65
C ASP A 46 -36.50 13.35 -16.57
N ARG A 47 -35.27 12.85 -16.52
CA ARG A 47 -34.88 11.91 -15.47
C ARG A 47 -34.87 12.58 -14.11
N LYS A 48 -34.46 13.84 -14.06
CA LYS A 48 -34.48 14.56 -12.78
C LYS A 48 -35.90 14.79 -12.28
N ARG A 49 -36.82 15.13 -13.18
CA ARG A 49 -38.22 15.32 -12.79
C ARG A 49 -38.86 14.00 -12.40
N LEU A 50 -38.49 12.91 -13.09
CA LEU A 50 -38.96 11.59 -12.68
C LEU A 50 -38.42 11.20 -11.31
N ALA A 51 -37.18 11.59 -11.00
CA ALA A 51 -36.63 11.33 -9.68
C ALA A 51 -37.37 12.12 -8.60
N LYS A 52 -37.72 13.38 -8.90
CA LYS A 52 -38.51 14.17 -7.96
C LYS A 52 -39.88 13.57 -7.73
N LEU A 53 -40.51 13.06 -8.79
CA LEU A 53 -41.81 12.42 -8.67
C LEU A 53 -41.70 11.12 -7.87
N LEU A 54 -40.63 10.35 -8.08
CA LEU A 54 -40.47 9.09 -7.38
C LEU A 54 -40.17 9.30 -5.90
N VAL A 55 -39.43 10.36 -5.55
CA VAL A 55 -39.24 10.59 -4.12
C VAL A 55 -40.45 11.27 -3.48
N SER A 56 -41.30 11.92 -4.28
CA SER A 56 -42.62 12.29 -3.76
C SER A 56 -43.41 11.05 -3.36
N VAL A 57 -43.41 10.03 -4.23
CA VAL A 57 -44.04 8.74 -3.91
C VAL A 57 -43.35 8.08 -2.71
N LEU A 58 -42.03 8.24 -2.61
CA LEU A 58 -41.28 7.61 -1.53
C LEU A 58 -41.61 8.23 -0.18
N GLU A 59 -41.48 9.55 -0.07
CA GLU A 59 -41.69 10.23 1.19
C GLU A 59 -43.16 10.38 1.55
N GLN A 60 -44.08 10.18 0.59
CA GLN A 60 -45.48 10.11 0.97
C GLN A 60 -45.88 8.73 1.49
N GLY A 61 -45.05 7.73 1.31
CA GLY A 61 -45.40 6.36 1.64
C GLY A 61 -45.72 5.54 0.41
N LEU A 62 -45.46 4.24 0.50
CA LEU A 62 -45.55 3.36 -0.65
C LEU A 62 -46.78 2.46 -0.56
N SER A 63 -47.00 1.72 -1.63
CA SER A 63 -48.11 0.80 -1.73
C SER A 63 -47.90 -0.40 -0.80
N PRO A 64 -48.99 -1.07 -0.37
CA PRO A 64 -48.85 -2.32 0.38
C PRO A 64 -48.18 -3.42 -0.43
N LYS A 65 -48.71 -3.71 -1.62
CA LYS A 65 -48.13 -4.70 -2.51
C LYS A 65 -47.57 -4.00 -3.73
N HIS A 66 -46.82 -4.77 -4.52
CA HIS A 66 -46.09 -4.34 -5.72
C HIS A 66 -45.10 -3.21 -5.43
N ARG A 67 -44.62 -3.12 -4.18
CA ARG A 67 -43.62 -2.12 -3.83
C ARG A 67 -42.27 -2.44 -4.43
N VAL A 68 -42.01 -3.72 -4.73
CA VAL A 68 -40.75 -4.16 -5.31
C VAL A 68 -40.53 -3.56 -6.69
N THR A 69 -41.61 -3.19 -7.39
CA THR A 69 -41.48 -2.49 -8.67
C THR A 69 -40.90 -1.09 -8.49
N TRP A 70 -41.43 -0.32 -7.54
CA TRP A 70 -40.87 0.98 -7.24
C TRP A 70 -39.46 0.88 -6.68
N LEU A 71 -39.17 -0.16 -5.90
CA LEU A 71 -37.82 -0.35 -5.40
C LEU A 71 -36.85 -0.69 -6.53
N GLN A 72 -37.30 -1.50 -7.49
CA GLN A 72 -36.48 -1.83 -8.63
C GLN A 72 -36.22 -0.62 -9.50
N THR A 73 -37.22 0.23 -9.67
CA THR A 73 -37.02 1.42 -10.48
C THR A 73 -36.18 2.47 -9.78
N ILE A 74 -36.28 2.60 -8.46
CA ILE A 74 -35.42 3.57 -7.79
C ILE A 74 -33.99 3.03 -7.67
N ARG A 75 -33.83 1.70 -7.70
CA ARG A 75 -32.49 1.14 -7.84
C ARG A 75 -31.92 1.44 -9.21
N ILE A 76 -32.70 1.20 -10.26
CA ILE A 76 -32.19 1.28 -11.62
C ILE A 76 -32.06 2.72 -12.08
N LEU A 77 -32.72 3.66 -11.41
CA LEU A 77 -32.50 5.07 -11.62
C LEU A 77 -31.41 5.60 -10.70
N SER A 78 -31.20 4.94 -9.56
CA SER A 78 -30.16 5.34 -8.64
C SER A 78 -28.77 5.13 -9.21
N ARG A 79 -28.63 4.20 -10.16
CA ARG A 79 -27.35 3.93 -10.79
C ARG A 79 -26.90 5.06 -11.72
N ASP A 80 -27.76 6.03 -12.01
CA ASP A 80 -27.36 7.22 -12.73
C ASP A 80 -26.43 8.07 -11.88
N ARG A 81 -25.54 8.81 -12.55
CA ARG A 81 -24.62 9.71 -11.89
C ARG A 81 -25.27 11.06 -11.59
N SER A 82 -26.35 11.39 -12.27
CA SER A 82 -26.89 12.75 -12.24
C SER A 82 -27.94 12.99 -11.17
N CYS A 83 -28.66 11.95 -10.74
CA CYS A 83 -29.82 12.12 -9.87
C CYS A 83 -29.48 11.87 -8.40
N LEU A 84 -28.28 12.28 -7.96
CA LEU A 84 -27.92 12.09 -6.56
C LEU A 84 -28.65 13.08 -5.65
N ASP A 85 -28.75 14.34 -6.06
CA ASP A 85 -29.29 15.37 -5.18
C ASP A 85 -30.80 15.31 -5.06
N SER A 86 -31.45 14.54 -5.93
CA SER A 86 -32.88 14.29 -5.80
C SER A 86 -33.17 13.05 -4.96
N PHE A 87 -32.15 12.45 -4.35
CA PHE A 87 -32.33 11.26 -3.52
C PHE A 87 -31.84 11.47 -2.10
N ALA A 88 -30.79 12.26 -1.93
CA ALA A 88 -30.07 12.35 -0.66
C ALA A 88 -30.75 13.29 0.33
N SER A 89 -32.03 13.04 0.63
CA SER A 89 -32.77 13.85 1.57
C SER A 89 -32.99 13.07 2.87
N ARG A 90 -33.67 13.71 3.81
CA ARG A 90 -33.87 13.11 5.13
C ARG A 90 -34.90 11.99 5.07
N GLN A 91 -36.12 12.32 4.64
CA GLN A 91 -37.21 11.35 4.70
C GLN A 91 -37.06 10.26 3.64
N SER A 92 -36.35 10.55 2.54
CA SER A 92 -36.09 9.54 1.53
C SER A 92 -35.18 8.45 2.09
N LEU A 93 -34.08 8.87 2.72
CA LEU A 93 -33.13 7.93 3.32
C LEU A 93 -33.79 7.15 4.45
N HIS A 94 -34.65 7.80 5.22
CA HIS A 94 -35.33 7.11 6.31
C HIS A 94 -36.38 6.13 5.80
N ALA A 95 -37.04 6.47 4.69
CA ALA A 95 -37.97 5.55 4.07
C ALA A 95 -37.25 4.33 3.51
N LEU A 96 -36.10 4.54 2.87
CA LEU A 96 -35.31 3.43 2.38
C LEU A 96 -34.74 2.60 3.53
N ALA A 97 -34.45 3.25 4.66
CA ALA A 97 -33.97 2.52 5.83
C ALA A 97 -35.05 1.64 6.43
N CYS A 98 -36.27 2.16 6.56
CA CYS A 98 -37.30 1.33 7.18
C CYS A 98 -37.83 0.27 6.22
N TYR A 99 -37.76 0.50 4.91
CA TYR A 99 -37.98 -0.62 3.99
C TYR A 99 -36.79 -1.56 3.93
N ALA A 100 -35.63 -1.14 4.42
CA ALA A 100 -34.49 -2.03 4.55
C ALA A 100 -34.42 -2.69 5.91
N ASP A 101 -35.27 -2.27 6.86
CA ASP A 101 -35.38 -2.82 8.21
C ASP A 101 -34.05 -2.71 8.96
N ILE A 102 -33.31 -1.63 8.71
CA ILE A 102 -32.03 -1.40 9.33
C ILE A 102 -31.97 -0.07 10.08
N ALA A 103 -33.11 0.54 10.34
CA ALA A 103 -33.12 1.81 11.04
C ALA A 103 -33.31 1.60 12.54
N ILE A 104 -32.86 2.59 13.32
CA ILE A 104 -32.97 2.48 14.77
C ILE A 104 -34.38 2.84 15.24
N SER A 105 -34.97 3.86 14.65
CA SER A 105 -36.36 4.24 14.89
C SER A 105 -37.16 3.92 13.64
N GLU A 106 -38.42 4.37 13.62
CA GLU A 106 -39.39 4.12 12.55
C GLU A 106 -39.56 2.62 12.32
N GLU A 107 -39.67 1.90 13.44
CA GLU A 107 -39.71 0.47 13.40
C GLU A 107 -40.64 -0.11 14.47
N PRO A 108 -41.54 -0.99 14.09
CA PRO A 108 -42.28 -1.77 15.11
C PRO A 108 -41.48 -2.98 15.51
N ILE A 109 -42.08 -3.88 16.29
CA ILE A 109 -41.59 -5.25 16.36
C ILE A 109 -41.78 -5.79 14.95
N PRO A 110 -40.70 -6.05 14.21
CA PRO A 110 -40.79 -6.08 12.76
C PRO A 110 -41.50 -7.30 12.21
N GLN A 111 -42.20 -7.08 11.09
CA GLN A 111 -42.78 -8.17 10.32
C GLN A 111 -41.66 -9.06 9.77
N PRO A 112 -41.92 -10.36 9.62
CA PRO A 112 -40.93 -11.24 8.98
C PRO A 112 -40.69 -10.83 7.55
N PRO A 113 -39.49 -10.33 7.24
CA PRO A 113 -39.31 -9.55 6.02
C PRO A 113 -39.17 -10.41 4.78
N ASP A 114 -39.87 -10.00 3.72
CA ASP A 114 -39.62 -10.53 2.40
C ASP A 114 -38.22 -10.09 1.94
N MET A 115 -37.42 -11.06 1.53
CA MET A 115 -36.00 -10.79 1.29
C MET A 115 -35.76 -10.01 0.01
N ASP A 116 -36.73 -10.00 -0.92
CA ASP A 116 -36.57 -9.30 -2.19
C ASP A 116 -36.40 -7.81 -1.99
N VAL A 117 -37.28 -7.21 -1.19
CA VAL A 117 -37.18 -5.79 -0.90
C VAL A 117 -35.94 -5.50 -0.06
N LEU A 118 -35.42 -6.47 0.67
CA LEU A 118 -34.19 -6.26 1.41
C LEU A 118 -32.99 -6.22 0.47
N LEU A 119 -32.97 -7.09 -0.55
CA LEU A 119 -31.95 -7.00 -1.59
C LEU A 119 -31.99 -5.65 -2.29
N GLU A 120 -33.18 -5.23 -2.73
CA GLU A 120 -33.27 -3.99 -3.51
C GLU A 120 -32.98 -2.76 -2.64
N SER A 121 -33.37 -2.80 -1.37
CA SER A 121 -33.12 -1.66 -0.49
C SER A 121 -31.66 -1.58 -0.06
N LEU A 122 -31.01 -2.71 0.18
CA LEU A 122 -29.58 -2.68 0.46
C LEU A 122 -28.79 -2.23 -0.76
N LYS A 123 -29.24 -2.66 -1.96
CA LYS A 123 -28.60 -2.19 -3.19
C LYS A 123 -28.79 -0.68 -3.35
N CYS A 124 -29.96 -0.17 -3.00
CA CYS A 124 -30.23 1.26 -3.08
C CYS A 124 -29.37 2.03 -2.10
N LEU A 125 -29.18 1.49 -0.89
CA LEU A 125 -28.36 2.15 0.10
C LEU A 125 -26.90 2.19 -0.30
N CYS A 126 -26.35 1.07 -0.81
CA CYS A 126 -24.93 1.10 -1.15
C CYS A 126 -24.67 1.93 -2.40
N ASN A 127 -25.60 1.90 -3.37
CA ASN A 127 -25.52 2.80 -4.51
C ASN A 127 -25.58 4.26 -4.08
N LEU A 128 -26.44 4.57 -3.11
CA LEU A 128 -26.58 5.95 -2.68
C LEU A 128 -25.41 6.43 -1.84
N VAL A 129 -24.72 5.54 -1.14
CA VAL A 129 -23.56 5.97 -0.36
C VAL A 129 -22.28 5.97 -1.20
N LEU A 130 -22.24 5.21 -2.30
CA LEU A 130 -21.03 5.19 -3.12
C LEU A 130 -20.83 6.52 -3.84
N SER A 131 -21.91 7.14 -4.31
CA SER A 131 -21.88 8.52 -4.75
C SER A 131 -22.47 9.38 -3.64
N SER A 132 -22.71 10.67 -3.94
CA SER A 132 -23.42 11.67 -3.12
C SER A 132 -22.89 11.77 -1.70
N PRO A 133 -21.77 12.49 -1.48
CA PRO A 133 -21.12 12.46 -0.16
C PRO A 133 -21.96 13.02 0.98
N THR A 134 -22.93 13.89 0.70
CA THR A 134 -23.84 14.32 1.75
C THR A 134 -24.76 13.18 2.20
N ALA A 135 -25.01 12.18 1.35
CA ALA A 135 -25.73 11.00 1.82
C ALA A 135 -24.87 10.17 2.75
N GLN A 136 -23.54 10.17 2.56
CA GLN A 136 -22.65 9.53 3.50
C GLN A 136 -22.66 10.25 4.84
N MET A 137 -22.65 11.59 4.80
CA MET A 137 -22.68 12.36 6.04
C MET A 137 -24.00 12.19 6.78
N LEU A 138 -25.10 12.08 6.03
CA LEU A 138 -26.38 11.87 6.69
C LEU A 138 -26.54 10.44 7.19
N ALA A 139 -26.02 9.45 6.46
CA ALA A 139 -26.10 8.07 6.91
C ALA A 139 -25.23 7.83 8.12
N ALA A 140 -24.14 8.58 8.25
CA ALA A 140 -23.46 8.66 9.53
C ALA A 140 -24.36 9.31 10.57
N GLU A 141 -24.99 10.43 10.21
CA GLU A 141 -25.76 11.22 11.16
C GLU A 141 -27.07 10.53 11.54
N ALA A 142 -27.64 9.72 10.66
CA ALA A 142 -28.91 9.07 10.94
C ALA A 142 -28.75 7.76 11.69
N ARG A 143 -27.53 7.38 12.03
CA ARG A 143 -27.21 6.25 12.94
C ARG A 143 -27.75 4.92 12.41
N LEU A 144 -27.21 4.51 11.26
CA LEU A 144 -27.66 3.28 10.61
C LEU A 144 -26.87 2.05 11.02
N VAL A 145 -25.68 2.21 11.60
CA VAL A 145 -24.76 1.10 11.74
C VAL A 145 -25.17 0.11 12.82
N VAL A 146 -26.08 0.49 13.72
CA VAL A 146 -26.37 -0.34 14.88
C VAL A 146 -27.18 -1.58 14.48
N ARG A 147 -28.16 -1.41 13.60
CA ARG A 147 -28.95 -2.56 13.18
C ARG A 147 -28.17 -3.42 12.19
N LEU A 148 -27.25 -2.82 11.44
CA LEU A 148 -26.37 -3.60 10.58
C LEU A 148 -25.45 -4.50 11.41
N ALA A 149 -24.84 -3.94 12.45
CA ALA A 149 -23.96 -4.72 13.31
C ALA A 149 -24.74 -5.79 14.07
N GLU A 150 -25.95 -5.45 14.52
CA GLU A 150 -26.82 -6.42 15.17
C GLU A 150 -27.20 -7.55 14.22
N ARG A 151 -27.46 -7.23 12.95
CA ARG A 151 -27.86 -8.25 12.00
C ARG A 151 -26.70 -9.16 11.64
N VAL A 152 -25.51 -8.59 11.41
CA VAL A 152 -24.37 -9.43 11.03
C VAL A 152 -23.89 -10.26 12.21
N GLY A 153 -24.04 -9.74 13.45
CA GLY A 153 -23.75 -10.57 14.60
C GLY A 153 -24.78 -11.64 14.85
N LEU A 154 -26.04 -11.40 14.47
CA LEU A 154 -27.12 -12.25 14.92
C LEU A 154 -27.59 -13.28 13.90
N TYR A 155 -26.96 -13.40 12.74
CA TYR A 155 -27.18 -14.67 12.02
C TYR A 155 -26.07 -15.67 12.31
N ARG A 156 -25.79 -15.86 13.60
CA ARG A 156 -25.12 -17.07 14.03
C ARG A 156 -26.10 -18.23 14.04
N LYS A 157 -27.39 -17.92 14.22
CA LYS A 157 -28.44 -18.92 14.40
C LYS A 157 -29.55 -18.79 13.37
N ARG A 158 -29.34 -18.04 12.30
CA ARG A 158 -30.39 -17.75 11.35
C ARG A 158 -30.08 -18.37 9.98
N SER A 159 -30.99 -18.14 9.04
CA SER A 159 -30.87 -18.66 7.67
C SER A 159 -31.31 -17.56 6.71
N TYR A 160 -30.36 -16.75 6.27
CA TYR A 160 -30.50 -15.71 5.27
C TYR A 160 -29.87 -16.16 3.96
N PRO A 161 -30.37 -15.68 2.83
CA PRO A 161 -29.62 -15.82 1.58
C PRO A 161 -28.32 -15.04 1.65
N HIS A 162 -27.28 -15.58 1.01
CA HIS A 162 -25.95 -14.98 1.15
C HIS A 162 -25.85 -13.65 0.42
N GLU A 163 -26.73 -13.39 -0.55
CA GLU A 163 -26.75 -12.09 -1.22
C GLU A 163 -27.14 -11.00 -0.24
N VAL A 164 -28.06 -11.31 0.68
CA VAL A 164 -28.50 -10.36 1.69
C VAL A 164 -27.34 -9.97 2.59
N GLN A 165 -26.63 -10.97 3.12
CA GLN A 165 -25.49 -10.71 3.98
C GLN A 165 -24.35 -10.07 3.22
N PHE A 166 -24.22 -10.39 1.93
CA PHE A 166 -23.20 -9.80 1.08
C PHE A 166 -23.41 -8.30 0.93
N PHE A 167 -24.63 -7.90 0.56
CA PHE A 167 -24.89 -6.48 0.37
C PHE A 167 -24.93 -5.74 1.70
N ASP A 168 -25.32 -6.43 2.79
CA ASP A 168 -25.30 -5.81 4.10
C ASP A 168 -23.87 -5.52 4.55
N LEU A 169 -22.97 -6.48 4.37
CA LEU A 169 -21.57 -6.26 4.68
C LEU A 169 -20.95 -5.22 3.77
N ARG A 170 -21.40 -5.16 2.52
CA ARG A 170 -20.87 -4.16 1.61
C ARG A 170 -21.32 -2.76 1.98
N LEU A 171 -22.56 -2.63 2.49
CA LEU A 171 -23.01 -1.35 2.99
C LEU A 171 -22.24 -0.95 4.24
N LEU A 172 -21.97 -1.92 5.12
CA LEU A 172 -21.15 -1.66 6.31
C LEU A 172 -19.75 -1.21 5.94
N PHE A 173 -19.18 -1.82 4.90
CA PHE A 173 -17.86 -1.43 4.44
C PHE A 173 -17.89 -0.03 3.81
N LEU A 174 -18.91 0.26 3.01
CA LEU A 174 -18.99 1.56 2.37
C LEU A 174 -19.23 2.68 3.37
N LEU A 175 -19.92 2.38 4.48
CA LEU A 175 -20.03 3.36 5.54
C LEU A 175 -18.69 3.54 6.25
N THR A 176 -18.02 2.43 6.59
CA THR A 176 -16.81 2.53 7.40
C THR A 176 -15.60 3.03 6.61
N ALA A 177 -15.67 3.02 5.28
CA ALA A 177 -14.54 3.49 4.48
C ALA A 177 -14.61 4.99 4.19
N LEU A 178 -15.61 5.67 4.69
CA LEU A 178 -15.77 7.06 4.29
C LEU A 178 -15.90 8.02 5.46
N ARG A 179 -16.53 7.60 6.55
CA ARG A 179 -16.78 8.47 7.69
C ARG A 179 -16.02 7.96 8.90
N THR A 180 -15.14 8.81 9.44
CA THR A 180 -14.32 8.42 10.59
C THR A 180 -15.17 8.22 11.84
N ASP A 181 -16.30 8.91 11.93
CA ASP A 181 -17.21 8.71 13.04
C ASP A 181 -17.83 7.31 13.00
N VAL A 182 -18.09 6.78 11.81
CA VAL A 182 -18.69 5.45 11.68
C VAL A 182 -17.71 4.38 12.14
N ARG A 183 -16.43 4.51 11.77
CA ARG A 183 -15.46 3.50 12.20
C ARG A 183 -15.11 3.65 13.67
N GLN A 184 -15.09 4.88 14.19
CA GLN A 184 -14.85 5.05 15.61
C GLN A 184 -16.04 4.62 16.45
N GLN A 185 -17.23 4.58 15.85
CA GLN A 185 -18.38 4.03 16.54
C GLN A 185 -18.38 2.50 16.48
N LEU A 186 -17.95 1.94 15.35
CA LEU A 186 -17.98 0.49 15.19
C LEU A 186 -16.89 -0.19 16.00
N PHE A 187 -15.74 0.46 16.17
CA PHE A 187 -14.65 -0.19 16.89
C PHE A 187 -14.89 -0.19 18.39
N GLN A 188 -14.94 1.00 19.00
CA GLN A 188 -14.84 1.07 20.45
C GLN A 188 -16.18 0.82 21.13
N GLU A 189 -17.16 1.67 20.90
CA GLU A 189 -18.38 1.60 21.69
C GLU A 189 -19.36 0.55 21.21
N LEU A 190 -19.00 -0.26 20.21
CA LEU A 190 -19.80 -1.39 19.79
C LEU A 190 -19.11 -2.73 19.92
N HIS A 191 -17.78 -2.74 20.06
CA HIS A 191 -16.88 -3.91 19.99
C HIS A 191 -17.29 -4.91 18.91
N GLY A 192 -17.40 -4.41 17.68
CA GLY A 192 -17.86 -5.22 16.57
C GLY A 192 -16.84 -6.17 16.00
N VAL A 193 -15.59 -6.09 16.45
CA VAL A 193 -14.55 -7.02 16.04
C VAL A 193 -14.91 -8.43 16.45
N ARG A 194 -15.49 -8.56 17.65
CA ARG A 194 -15.95 -9.85 18.18
C ARG A 194 -17.00 -10.49 17.27
N LEU A 195 -18.09 -9.76 17.02
CA LEU A 195 -19.19 -10.32 16.23
C LEU A 195 -18.82 -10.50 14.77
N LEU A 196 -17.97 -9.62 14.24
CA LEU A 196 -17.52 -9.80 12.86
C LEU A 196 -16.59 -11.00 12.74
N THR A 197 -15.80 -11.29 13.77
CA THR A 197 -15.02 -12.51 13.75
C THR A 197 -15.90 -13.75 13.92
N ASP A 198 -17.03 -13.63 14.62
CA ASP A 198 -17.97 -14.75 14.64
C ASP A 198 -18.57 -15.00 13.26
N ALA A 199 -18.87 -13.93 12.54
CA ALA A 199 -19.30 -14.09 11.15
C ALA A 199 -18.19 -14.66 10.30
N LEU A 200 -16.94 -14.33 10.62
CA LEU A 200 -15.80 -14.92 9.91
C LEU A 200 -15.70 -16.42 10.16
N GLU A 201 -15.98 -16.85 11.39
CA GLU A 201 -16.01 -18.29 11.68
C GLU A 201 -17.11 -18.97 10.88
N LEU A 202 -18.32 -18.40 10.89
CA LEU A 202 -19.44 -19.03 10.23
C LEU A 202 -19.29 -19.03 8.71
N THR A 203 -18.52 -18.09 8.15
CA THR A 203 -18.15 -18.21 6.75
C THR A 203 -17.13 -19.32 6.56
N LEU A 204 -16.10 -19.35 7.40
CA LEU A 204 -15.02 -20.33 7.23
C LEU A 204 -15.46 -21.72 7.63
N GLY A 205 -15.88 -21.89 8.89
CA GLY A 205 -16.19 -23.19 9.41
C GLY A 205 -14.94 -23.95 9.81
N VAL A 206 -14.21 -23.42 10.79
CA VAL A 206 -13.01 -24.08 11.28
C VAL A 206 -13.39 -25.32 12.07
N ALA A 207 -12.68 -26.41 11.84
CA ALA A 207 -13.01 -27.71 12.42
C ALA A 207 -11.75 -28.55 12.44
N PRO A 208 -11.79 -29.75 13.05
CA PRO A 208 -10.79 -30.77 12.72
C PRO A 208 -10.81 -31.11 11.24
N LYS A 209 -9.69 -31.70 10.79
CA LYS A 209 -9.26 -31.71 9.39
C LYS A 209 -9.15 -30.27 8.88
N GLU A 210 -8.12 -29.59 9.39
CA GLU A 210 -7.85 -28.20 9.04
C GLU A 210 -7.36 -28.10 7.60
N ASN A 211 -8.31 -28.02 6.67
CA ASN A 211 -8.15 -27.93 5.22
C ASN A 211 -7.30 -29.02 4.59
N PRO A 212 -7.77 -30.28 4.50
CA PRO A 212 -7.29 -31.15 3.42
C PRO A 212 -8.13 -30.94 2.16
N LEU A 213 -9.37 -30.49 2.36
CA LEU A 213 -10.26 -30.12 1.26
C LEU A 213 -10.04 -28.63 1.00
N VAL A 214 -9.15 -28.34 0.05
CA VAL A 214 -8.64 -26.99 -0.13
C VAL A 214 -9.65 -26.06 -0.78
N ILE A 215 -10.71 -26.60 -1.39
CA ILE A 215 -11.71 -25.76 -2.01
C ILE A 215 -12.56 -25.09 -0.94
N LEU A 216 -12.66 -23.78 -1.03
CA LEU A 216 -13.62 -23.03 -0.25
C LEU A 216 -14.67 -22.51 -1.22
N PRO A 217 -15.97 -22.58 -0.87
CA PRO A 217 -17.03 -22.26 -1.83
C PRO A 217 -16.99 -20.82 -2.34
N ALA A 218 -17.54 -20.63 -3.53
CA ALA A 218 -17.30 -19.41 -4.30
C ALA A 218 -18.01 -18.21 -3.68
N GLN A 219 -19.26 -18.37 -3.28
CA GLN A 219 -19.99 -17.28 -2.63
C GLN A 219 -19.42 -17.01 -1.25
N GLU A 220 -18.99 -18.06 -0.56
CA GLU A 220 -18.43 -17.90 0.78
C GLU A 220 -17.09 -17.18 0.74
N THR A 221 -16.30 -17.38 -0.33
CA THR A 221 -15.10 -16.58 -0.50
C THR A 221 -15.43 -15.12 -0.71
N GLU A 222 -16.56 -14.82 -1.39
CA GLU A 222 -16.95 -13.44 -1.61
C GLU A 222 -17.34 -12.75 -0.30
N ARG A 223 -18.22 -13.40 0.47
CA ARG A 223 -18.64 -12.75 1.71
C ARG A 223 -17.53 -12.73 2.74
N ALA A 224 -16.66 -13.74 2.74
CA ALA A 224 -15.49 -13.70 3.61
C ALA A 224 -14.53 -12.62 3.18
N MET A 225 -14.43 -12.37 1.87
CA MET A 225 -13.59 -11.31 1.36
C MET A 225 -14.08 -9.95 1.82
N GLU A 226 -15.39 -9.73 1.77
CA GLU A 226 -15.92 -8.46 2.25
C GLU A 226 -15.86 -8.35 3.77
N ILE A 227 -15.94 -9.49 4.47
CA ILE A 227 -15.71 -9.53 5.91
C ILE A 227 -14.30 -9.09 6.24
N LEU A 228 -13.32 -9.57 5.47
CA LEU A 228 -11.93 -9.17 5.70
C LEU A 228 -11.73 -7.71 5.35
N LYS A 229 -12.46 -7.22 4.34
CA LYS A 229 -12.44 -5.81 3.99
C LYS A 229 -12.87 -4.94 5.16
N VAL A 230 -14.04 -5.24 5.74
CA VAL A 230 -14.55 -4.37 6.80
C VAL A 230 -13.75 -4.58 8.09
N LEU A 231 -13.22 -5.78 8.31
CA LEU A 231 -12.41 -6.01 9.51
C LEU A 231 -11.06 -5.32 9.42
N PHE A 232 -10.50 -5.21 8.22
CA PHE A 232 -9.36 -4.32 8.06
C PHE A 232 -9.78 -2.86 8.22
N ASN A 233 -10.99 -2.54 7.78
CA ASN A 233 -11.45 -1.16 7.79
C ASN A 233 -11.75 -0.66 9.19
N ILE A 234 -11.94 -1.56 10.16
CA ILE A 234 -12.20 -1.13 11.52
C ILE A 234 -10.91 -0.72 12.22
N THR A 235 -9.93 -1.63 12.25
CA THR A 235 -8.81 -1.51 13.18
C THR A 235 -7.54 -1.00 12.52
N PHE A 236 -7.65 -0.22 11.45
CA PHE A 236 -6.43 0.22 10.78
C PHE A 236 -5.77 1.38 11.53
N ASP A 237 -6.57 2.28 12.09
CA ASP A 237 -6.02 3.42 12.79
C ASP A 237 -6.06 3.27 14.31
N SER A 238 -6.94 2.41 14.82
CA SER A 238 -7.10 2.21 16.25
C SER A 238 -6.22 1.10 16.78
N VAL A 239 -5.08 0.84 16.14
CA VAL A 239 -4.13 -0.14 16.65
C VAL A 239 -3.49 0.42 17.92
N LYS A 240 -3.39 -0.43 18.94
CA LYS A 240 -2.83 -0.04 20.22
C LYS A 240 -1.62 -0.92 20.50
N ARG A 241 -0.43 -0.31 20.50
CA ARG A 241 0.81 -1.04 20.77
C ARG A 241 0.93 -1.48 22.21
N GLU A 242 0.11 -0.95 23.12
CA GLU A 242 -0.03 -1.46 24.47
C GLU A 242 -1.48 -1.87 24.68
N VAL A 243 -1.71 -3.13 25.04
CA VAL A 243 -3.05 -3.68 25.19
C VAL A 243 -3.10 -4.52 26.46
N ASP A 244 -4.30 -4.97 26.80
CA ASP A 244 -4.55 -5.83 27.96
C ASP A 244 -5.02 -7.21 27.49
N GLU A 245 -5.13 -8.13 28.46
CA GLU A 245 -5.45 -9.51 28.11
C GLU A 245 -6.90 -9.65 27.65
N GLU A 246 -7.79 -8.83 28.19
CA GLU A 246 -9.17 -8.83 27.73
C GLU A 246 -9.28 -8.22 26.35
N ASP A 247 -8.37 -7.30 26.02
CA ASP A 247 -8.29 -6.75 24.68
C ASP A 247 -7.58 -7.70 23.74
N ALA A 248 -6.40 -8.15 24.11
CA ALA A 248 -5.57 -8.91 23.17
C ALA A 248 -5.99 -10.37 23.05
N ALA A 249 -6.87 -10.87 23.92
CA ALA A 249 -7.28 -12.26 23.82
C ALA A 249 -8.12 -12.51 22.57
N LEU A 250 -9.04 -11.60 22.27
CA LEU A 250 -9.82 -11.73 21.05
C LEU A 250 -8.98 -11.47 19.81
N TYR A 251 -7.95 -10.63 19.94
CA TYR A 251 -6.99 -10.44 18.85
C TYR A 251 -6.25 -11.73 18.52
N ARG A 252 -5.76 -12.41 19.57
CA ARG A 252 -5.07 -13.68 19.37
C ARG A 252 -6.02 -14.75 18.85
N TYR A 253 -7.30 -14.68 19.24
CA TYR A 253 -8.28 -15.60 18.68
C TYR A 253 -8.51 -15.33 17.20
N LEU A 254 -8.56 -14.04 16.82
CA LEU A 254 -8.66 -13.65 15.43
C LEU A 254 -7.47 -14.17 14.64
N GLY A 255 -6.28 -14.12 15.24
CA GLY A 255 -5.12 -14.68 14.58
C GLY A 255 -5.19 -16.19 14.41
N THR A 256 -5.66 -16.90 15.45
CA THR A 256 -5.71 -18.36 15.39
C THR A 256 -6.72 -18.83 14.36
N LEU A 257 -7.81 -18.11 14.18
CA LEU A 257 -8.69 -18.43 13.06
C LEU A 257 -8.15 -17.89 11.74
N LEU A 258 -7.30 -16.87 11.79
CA LEU A 258 -6.82 -16.23 10.58
C LEU A 258 -5.77 -17.03 9.87
N ARG A 259 -5.00 -17.84 10.61
CA ARG A 259 -3.95 -18.66 9.99
C ARG A 259 -4.54 -19.72 9.07
N HIS A 260 -5.80 -20.10 9.30
CA HIS A 260 -6.48 -21.01 8.39
C HIS A 260 -6.73 -20.40 7.03
N CYS A 261 -6.81 -19.06 6.96
CA CYS A 261 -7.19 -18.42 5.71
C CYS A 261 -6.08 -18.44 4.68
N VAL A 262 -4.81 -18.35 5.12
CA VAL A 262 -3.71 -18.28 4.16
C VAL A 262 -3.51 -19.61 3.47
N MET A 263 -3.86 -20.71 4.13
CA MET A 263 -3.58 -22.04 3.60
C MET A 263 -4.48 -22.37 2.42
N ALA A 264 -5.79 -22.21 2.58
CA ALA A 264 -6.75 -22.75 1.62
C ALA A 264 -6.75 -21.92 0.33
N ASP A 265 -7.44 -22.46 -0.66
CA ASP A 265 -7.58 -21.84 -1.97
C ASP A 265 -9.05 -21.52 -2.24
N ALA A 266 -9.26 -20.50 -3.05
CA ALA A 266 -10.61 -20.08 -3.43
C ALA A 266 -11.05 -20.86 -4.66
N ALA A 267 -12.16 -20.45 -5.25
CA ALA A 267 -12.63 -20.97 -6.51
C ALA A 267 -12.34 -19.96 -7.62
N GLY A 268 -12.24 -20.47 -8.84
CA GLY A 268 -11.88 -19.61 -9.96
C GLY A 268 -10.45 -19.12 -9.83
N ASP A 269 -10.29 -17.80 -10.05
CA ASP A 269 -9.00 -17.15 -9.86
C ASP A 269 -9.01 -16.21 -8.68
N ARG A 270 -9.95 -16.40 -7.75
CA ARG A 270 -10.06 -15.51 -6.60
C ARG A 270 -9.01 -15.77 -5.53
N THR A 271 -8.23 -16.85 -5.67
CA THR A 271 -7.29 -17.25 -4.62
C THR A 271 -6.16 -16.26 -4.43
N GLU A 272 -5.90 -15.39 -5.41
CA GLU A 272 -4.96 -14.32 -5.20
C GLU A 272 -5.56 -13.23 -4.33
N GLU A 273 -6.80 -12.83 -4.62
CA GLU A 273 -7.41 -11.69 -3.95
C GLU A 273 -7.69 -11.98 -2.48
N PHE A 274 -7.97 -13.25 -2.16
CA PHE A 274 -8.22 -13.67 -0.79
C PHE A 274 -7.01 -13.40 0.09
N HIS A 275 -5.85 -13.92 -0.30
CA HIS A 275 -4.62 -13.63 0.43
C HIS A 275 -4.25 -12.17 0.33
N GLY A 276 -4.57 -11.53 -0.79
CA GLY A 276 -4.25 -10.13 -1.01
C GLY A 276 -4.98 -9.19 -0.07
N HIS A 277 -6.09 -9.63 0.53
CA HIS A 277 -6.65 -8.88 1.63
C HIS A 277 -6.41 -9.51 3.00
N THR A 278 -6.15 -10.82 3.05
CA THR A 278 -5.91 -11.50 4.31
C THR A 278 -4.60 -11.03 4.94
N VAL A 279 -3.57 -10.85 4.12
CA VAL A 279 -2.30 -10.38 4.66
C VAL A 279 -2.42 -8.93 5.09
N ASN A 280 -3.26 -8.14 4.41
CA ASN A 280 -3.54 -6.79 4.85
C ASN A 280 -4.21 -6.77 6.21
N LEU A 281 -5.08 -7.75 6.47
CA LEU A 281 -5.66 -7.84 7.80
C LEU A 281 -4.60 -8.26 8.82
N LEU A 282 -3.68 -9.14 8.41
CA LEU A 282 -2.56 -9.51 9.26
C LEU A 282 -1.54 -8.40 9.45
N GLY A 283 -1.64 -7.30 8.71
CA GLY A 283 -0.64 -6.25 8.81
C GLY A 283 -0.69 -5.49 10.12
N ASN A 284 -1.89 -5.06 10.52
CA ASN A 284 -2.04 -4.13 11.63
C ASN A 284 -2.35 -4.83 12.95
N LEU A 285 -2.23 -6.15 13.00
CA LEU A 285 -2.42 -6.87 14.25
C LEU A 285 -1.27 -6.55 15.22
N PRO A 286 -1.50 -6.69 16.53
CA PRO A 286 -0.43 -6.39 17.49
C PRO A 286 0.75 -7.34 17.41
N LEU A 287 1.93 -6.78 17.64
CA LEU A 287 3.19 -7.49 17.42
C LEU A 287 3.39 -8.58 18.47
N LYS A 288 3.03 -8.29 19.73
CA LYS A 288 3.29 -9.23 20.81
C LYS A 288 2.37 -10.45 20.78
N CYS A 289 1.33 -10.43 19.94
CA CYS A 289 0.44 -11.57 19.78
C CYS A 289 0.21 -11.86 18.31
N LEU A 290 1.25 -11.70 17.51
CA LEU A 290 1.28 -12.18 16.15
C LEU A 290 1.97 -13.55 16.05
N ASP A 291 2.43 -14.09 17.18
CA ASP A 291 3.22 -15.31 17.18
C ASP A 291 2.34 -16.55 17.22
N VAL A 292 1.42 -16.63 16.27
CA VAL A 292 0.70 -17.88 15.98
C VAL A 292 1.15 -18.46 14.65
N LEU A 293 1.81 -17.66 13.80
CA LEU A 293 2.37 -18.17 12.55
C LEU A 293 3.45 -19.20 12.82
N LEU A 294 4.40 -18.86 13.68
CA LEU A 294 5.45 -19.77 14.09
C LEU A 294 5.06 -20.58 15.33
N ALA A 295 3.76 -20.77 15.58
CA ALA A 295 3.35 -21.57 16.73
C ALA A 295 2.12 -22.43 16.46
N LEU A 296 1.84 -22.80 15.21
CA LEU A 296 0.66 -23.61 14.92
C LEU A 296 0.92 -25.08 15.26
N GLU A 297 -0.06 -25.92 14.95
CA GLU A 297 0.07 -27.35 15.13
C GLU A 297 1.09 -27.91 14.16
N LEU A 298 1.73 -29.00 14.56
CA LEU A 298 2.76 -29.64 13.75
C LEU A 298 2.35 -31.07 13.43
N HIS A 299 2.61 -31.48 12.19
CA HIS A 299 2.37 -32.84 11.74
C HIS A 299 3.25 -33.10 10.53
N GLU A 300 3.07 -34.27 9.91
CA GLU A 300 3.97 -34.79 8.89
C GLU A 300 3.76 -34.18 7.50
N GLY A 301 3.01 -33.09 7.38
CA GLY A 301 2.77 -32.50 6.08
C GLY A 301 4.00 -31.84 5.47
N SER A 302 4.44 -30.74 6.06
CA SER A 302 5.65 -30.05 5.60
C SER A 302 6.76 -30.28 6.62
N LEU A 303 7.98 -30.31 6.11
CA LEU A 303 9.13 -30.47 7.00
C LEU A 303 9.34 -29.19 7.81
N GLU A 304 9.48 -29.36 9.11
CA GLU A 304 9.58 -28.25 10.04
C GLU A 304 11.02 -27.78 10.13
N PHE A 305 11.30 -26.81 11.00
CA PHE A 305 12.67 -26.40 11.22
C PHE A 305 13.15 -26.72 12.63
N MET A 306 12.52 -26.13 13.66
CA MET A 306 12.97 -26.31 15.04
C MET A 306 11.72 -26.47 15.91
N GLY A 307 11.25 -27.71 16.04
CA GLY A 307 10.12 -28.03 16.87
C GLY A 307 8.75 -27.59 16.38
N VAL A 308 8.68 -26.77 15.32
CA VAL A 308 7.42 -26.18 14.90
C VAL A 308 7.37 -26.12 13.38
N ASN A 309 6.23 -26.51 12.81
CA ASN A 309 6.00 -26.37 11.38
C ASN A 309 6.02 -24.91 10.99
N MET A 310 6.43 -24.64 9.75
CA MET A 310 6.55 -23.29 9.23
C MET A 310 5.96 -23.19 7.83
N ASP A 311 4.99 -24.06 7.52
CA ASP A 311 4.42 -24.11 6.18
C ASP A 311 3.63 -22.87 5.82
N VAL A 312 3.08 -22.16 6.80
CA VAL A 312 2.45 -20.87 6.53
C VAL A 312 3.49 -19.85 6.07
N ILE A 313 4.72 -19.96 6.56
CA ILE A 313 5.74 -19.03 6.12
C ILE A 313 6.21 -19.36 4.72
N ASN A 314 6.25 -20.64 4.36
CA ASN A 314 6.55 -21.01 2.98
C ASN A 314 5.42 -20.58 2.05
N ALA A 315 4.18 -20.61 2.54
CA ALA A 315 3.06 -20.10 1.76
C ALA A 315 3.16 -18.58 1.57
N LEU A 316 3.63 -17.87 2.60
CA LEU A 316 3.86 -16.43 2.48
C LEU A 316 4.97 -16.12 1.47
N LEU A 317 6.03 -16.94 1.45
CA LEU A 317 7.08 -16.69 0.48
C LEU A 317 6.63 -17.01 -0.94
N ALA A 318 5.84 -18.07 -1.11
CA ALA A 318 5.28 -18.36 -2.43
C ALA A 318 4.31 -17.27 -2.88
N PHE A 319 3.57 -16.68 -1.92
CA PHE A 319 2.71 -15.55 -2.25
C PHE A 319 3.54 -14.33 -2.63
N LEU A 320 4.69 -14.14 -1.99
CA LEU A 320 5.56 -13.03 -2.34
C LEU A 320 6.12 -13.19 -3.74
N GLU A 321 6.52 -14.41 -4.10
CA GLU A 321 7.02 -14.64 -5.47
C GLU A 321 5.91 -14.53 -6.50
N LYS A 322 4.68 -14.88 -6.13
CA LYS A 322 3.56 -14.71 -7.06
C LYS A 322 3.13 -13.25 -7.14
N ARG A 323 3.47 -12.44 -6.15
CA ARG A 323 2.98 -11.08 -6.06
C ARG A 323 4.04 -10.04 -6.42
N LEU A 324 5.27 -10.46 -6.65
CA LEU A 324 6.31 -9.46 -6.89
C LEU A 324 6.39 -9.00 -8.33
N HIS A 325 6.28 -9.89 -9.31
CA HIS A 325 6.49 -9.49 -10.71
C HIS A 325 5.18 -9.03 -11.35
N GLN A 326 4.59 -8.00 -10.75
CA GLN A 326 3.47 -7.30 -11.34
C GLN A 326 3.79 -5.86 -11.71
N THR A 327 4.59 -5.17 -10.88
CA THR A 327 5.30 -3.90 -11.08
C THR A 327 4.41 -2.71 -11.41
N HIS A 328 3.09 -2.90 -11.46
CA HIS A 328 2.18 -1.79 -11.71
C HIS A 328 1.89 -1.03 -10.42
N ARG A 329 1.29 -1.72 -9.45
CA ARG A 329 0.89 -1.14 -8.18
C ARG A 329 1.50 -1.99 -7.05
N LEU A 330 2.75 -1.71 -6.72
CA LEU A 330 3.45 -2.56 -5.77
C LEU A 330 3.20 -2.16 -4.33
N LYS A 331 2.94 -0.88 -4.08
CA LYS A 331 2.85 -0.36 -2.72
C LYS A 331 1.60 -0.85 -2.01
N GLU A 332 0.62 -1.37 -2.74
CA GLU A 332 -0.58 -1.94 -2.16
C GLU A 332 -0.58 -3.45 -2.17
N CYS A 333 0.43 -4.07 -2.76
CA CYS A 333 0.44 -5.53 -2.89
C CYS A 333 1.57 -6.20 -2.15
N VAL A 334 2.76 -5.61 -2.09
CA VAL A 334 3.88 -6.28 -1.47
C VAL A 334 4.50 -5.41 -0.39
N ALA A 335 3.75 -4.46 0.13
CA ALA A 335 4.12 -3.82 1.39
C ALA A 335 3.70 -4.60 2.63
N PRO A 336 2.42 -5.07 2.80
CA PRO A 336 2.07 -5.68 4.08
C PRO A 336 2.63 -7.08 4.23
N VAL A 337 2.94 -7.74 3.12
CA VAL A 337 3.55 -9.06 3.18
C VAL A 337 4.94 -8.97 3.77
N LEU A 338 5.73 -8.02 3.31
CA LEU A 338 7.04 -7.79 3.89
C LEU A 338 6.94 -7.27 5.31
N SER A 339 5.89 -6.51 5.64
CA SER A 339 5.73 -6.07 7.02
C SER A 339 5.37 -7.23 7.95
N VAL A 340 4.55 -8.16 7.47
CA VAL A 340 4.16 -9.32 8.26
C VAL A 340 5.35 -10.24 8.47
N LEU A 341 6.14 -10.49 7.42
CA LEU A 341 7.31 -11.36 7.58
C LEU A 341 8.39 -10.69 8.42
N THR A 342 8.49 -9.36 8.37
CA THR A 342 9.41 -8.64 9.23
C THR A 342 9.02 -8.79 10.69
N GLU A 343 7.78 -8.45 11.04
CA GLU A 343 7.39 -8.55 12.43
C GLU A 343 7.14 -9.97 12.89
N CYS A 344 7.13 -10.94 11.97
CA CYS A 344 7.20 -12.33 12.36
C CYS A 344 8.62 -12.71 12.74
N ALA A 345 9.60 -12.27 11.94
CA ALA A 345 10.97 -12.66 12.22
C ALA A 345 11.63 -11.80 13.28
N ARG A 346 11.13 -10.60 13.54
CA ARG A 346 11.84 -9.69 14.44
C ARG A 346 11.68 -10.05 15.91
N MET A 347 10.85 -11.04 16.25
CA MET A 347 10.51 -11.27 17.65
C MET A 347 10.95 -12.62 18.19
N HIS A 348 10.96 -13.68 17.39
CA HIS A 348 11.47 -14.95 17.86
C HIS A 348 12.40 -15.53 16.81
N ARG A 349 13.53 -16.07 17.29
CA ARG A 349 14.60 -16.51 16.39
C ARG A 349 14.23 -17.63 15.41
N PRO A 350 13.62 -18.79 15.80
CA PRO A 350 13.75 -19.97 14.96
C PRO A 350 12.82 -20.00 13.75
N ALA A 351 12.23 -18.86 13.42
CA ALA A 351 11.60 -18.67 12.12
C ALA A 351 12.51 -17.97 11.13
N ARG A 352 13.37 -17.07 11.63
CA ARG A 352 14.33 -16.38 10.77
C ARG A 352 15.35 -17.31 10.17
N LYS A 353 15.55 -18.50 10.73
CA LYS A 353 16.49 -19.43 10.13
C LYS A 353 15.92 -20.06 8.86
N PHE A 354 14.62 -20.39 8.87
CA PHE A 354 14.01 -20.88 7.65
C PHE A 354 13.83 -19.76 6.64
N LEU A 355 13.53 -18.55 7.14
CA LEU A 355 13.49 -17.38 6.27
C LEU A 355 14.84 -17.11 5.63
N LYS A 356 15.92 -17.25 6.40
CA LYS A 356 17.26 -17.04 5.89
C LYS A 356 17.64 -18.12 4.90
N ALA A 357 17.25 -19.37 5.16
CA ALA A 357 17.54 -20.43 4.21
C ALA A 357 16.72 -20.31 2.94
N GLN A 358 15.60 -19.58 2.98
CA GLN A 358 14.84 -19.41 1.76
C GLN A 358 15.18 -18.14 0.98
N VAL A 359 15.69 -17.11 1.63
CA VAL A 359 15.97 -15.85 0.93
C VAL A 359 17.46 -15.53 0.87
N LEU A 360 18.27 -16.11 1.75
CA LEU A 360 19.72 -15.93 1.70
C LEU A 360 20.40 -17.28 1.71
N PRO A 361 20.46 -17.98 0.58
CA PRO A 361 21.32 -19.16 0.49
C PRO A 361 22.77 -18.76 0.59
N PRO A 362 23.65 -19.69 1.01
CA PRO A 362 25.10 -19.41 0.97
C PRO A 362 25.54 -19.06 -0.44
N LEU A 363 25.93 -17.80 -0.62
CA LEU A 363 26.10 -17.21 -1.94
C LEU A 363 27.32 -17.81 -2.64
N ARG A 364 27.07 -18.38 -3.81
CA ARG A 364 28.16 -18.92 -4.61
C ARG A 364 29.02 -17.82 -5.20
N ASP A 365 28.48 -16.60 -5.31
CA ASP A 365 29.11 -15.43 -5.91
C ASP A 365 29.59 -15.72 -7.33
N VAL A 366 28.62 -15.99 -8.19
CA VAL A 366 28.85 -16.20 -9.61
C VAL A 366 29.22 -14.87 -10.25
N ARG A 367 29.63 -14.91 -11.52
CA ARG A 367 30.07 -13.73 -12.25
C ARG A 367 28.96 -12.70 -12.53
N THR A 368 27.73 -12.98 -12.10
CA THR A 368 26.67 -12.01 -12.14
C THR A 368 26.74 -11.07 -10.94
N ARG A 369 26.21 -9.86 -11.14
CA ARG A 369 26.04 -8.89 -10.07
C ARG A 369 24.85 -9.30 -9.21
N PRO A 370 24.59 -8.58 -8.11
CA PRO A 370 23.23 -8.54 -7.57
C PRO A 370 22.31 -7.81 -8.54
N GLU A 371 21.01 -7.96 -8.28
CA GLU A 371 19.87 -7.35 -8.98
C GLU A 371 19.86 -7.53 -10.50
N VAL A 372 20.64 -8.45 -11.03
CA VAL A 372 20.64 -8.74 -12.46
C VAL A 372 20.11 -10.12 -12.78
N GLY A 373 19.93 -10.98 -11.78
CA GLY A 373 19.38 -12.31 -12.01
C GLY A 373 17.88 -12.33 -11.88
N ASP A 374 17.34 -13.54 -11.93
CA ASP A 374 15.90 -13.76 -11.75
C ASP A 374 15.73 -14.79 -10.66
N LEU A 375 15.75 -14.31 -9.42
CA LEU A 375 15.52 -15.11 -8.23
C LEU A 375 14.89 -14.19 -7.20
N LEU A 376 14.91 -14.59 -5.93
CA LEU A 376 14.30 -13.76 -4.92
C LEU A 376 15.19 -12.58 -4.54
N ARG A 377 16.48 -12.84 -4.30
CA ARG A 377 17.38 -11.77 -3.89
C ARG A 377 17.55 -10.74 -5.00
N ASN A 378 17.63 -11.18 -6.26
CA ASN A 378 17.84 -10.28 -7.38
C ASN A 378 16.59 -9.51 -7.72
N LYS A 379 15.42 -10.00 -7.32
CA LYS A 379 14.21 -9.22 -7.46
C LYS A 379 14.14 -8.15 -6.39
N LEU A 380 14.28 -8.56 -5.12
CA LEU A 380 13.93 -7.60 -4.08
C LEU A 380 15.03 -6.59 -3.81
N VAL A 381 16.30 -6.89 -4.08
CA VAL A 381 17.28 -5.83 -3.87
C VAL A 381 17.23 -4.83 -5.01
N ARG A 382 16.72 -5.23 -6.18
CA ARG A 382 16.38 -4.26 -7.21
C ARG A 382 15.17 -3.46 -6.80
N LEU A 383 14.25 -4.10 -6.08
CA LEU A 383 13.08 -3.40 -5.54
C LEU A 383 13.47 -2.41 -4.45
N MET A 384 14.64 -2.58 -3.83
CA MET A 384 15.09 -1.71 -2.74
C MET A 384 15.32 -0.27 -3.17
N THR A 385 15.46 0.01 -4.46
CA THR A 385 15.64 1.38 -4.95
C THR A 385 14.47 1.79 -5.84
N HIS A 386 13.27 1.30 -5.52
CA HIS A 386 12.06 1.73 -6.20
C HIS A 386 11.74 3.17 -5.82
N LEU A 387 10.96 3.83 -6.67
CA LEU A 387 10.68 5.25 -6.46
C LEU A 387 9.61 5.50 -5.40
N ASP A 388 8.97 4.46 -4.87
CA ASP A 388 8.02 4.61 -3.78
C ASP A 388 8.72 4.45 -2.45
N THR A 389 8.46 5.38 -1.52
CA THR A 389 9.15 5.37 -0.24
C THR A 389 8.76 4.16 0.60
N ASP A 390 7.50 3.73 0.50
CA ASP A 390 7.01 2.68 1.38
C ASP A 390 7.55 1.32 0.98
N VAL A 391 7.68 1.05 -0.32
CA VAL A 391 8.17 -0.26 -0.77
C VAL A 391 9.63 -0.43 -0.40
N LYS A 392 10.44 0.63 -0.54
CA LYS A 392 11.82 0.58 -0.09
C LYS A 392 11.90 0.46 1.42
N ARG A 393 11.07 1.22 2.14
CA ARG A 393 11.08 1.20 3.60
C ARG A 393 10.65 -0.15 4.17
N VAL A 394 9.91 -0.94 3.42
CA VAL A 394 9.54 -2.24 3.96
C VAL A 394 10.48 -3.34 3.46
N ALA A 395 11.02 -3.21 2.24
CA ALA A 395 11.88 -4.27 1.73
C ALA A 395 13.27 -4.21 2.35
N ALA A 396 13.79 -2.99 2.54
CA ALA A 396 15.08 -2.86 3.19
C ALA A 396 15.02 -3.25 4.65
N GLU A 397 13.89 -3.04 5.32
CA GLU A 397 13.74 -3.54 6.68
C GLU A 397 13.58 -5.06 6.70
N PHE A 398 12.95 -5.62 5.67
CA PHE A 398 12.84 -7.07 5.57
C PHE A 398 14.20 -7.73 5.38
N LEU A 399 15.11 -7.07 4.68
CA LEU A 399 16.46 -7.61 4.56
C LEU A 399 17.43 -7.13 5.63
N PHE A 400 17.05 -6.13 6.41
CA PHE A 400 17.84 -5.77 7.58
C PHE A 400 17.53 -6.65 8.77
N VAL A 401 16.31 -7.19 8.82
CA VAL A 401 15.97 -8.16 9.85
C VAL A 401 16.53 -9.53 9.50
N LEU A 402 16.43 -9.92 8.22
CA LEU A 402 16.92 -11.21 7.78
C LEU A 402 18.43 -11.35 7.84
N CYS A 403 19.16 -10.23 7.91
CA CYS A 403 20.59 -10.29 8.15
C CYS A 403 20.93 -10.17 9.63
N SER A 404 19.91 -10.23 10.49
CA SER A 404 20.02 -10.12 11.96
C SER A 404 20.72 -8.83 12.38
N GLU A 405 20.45 -7.74 11.65
CA GLU A 405 20.77 -6.36 12.04
C GLU A 405 22.26 -6.15 12.27
N SER A 406 23.02 -6.28 11.19
CA SER A 406 24.46 -6.07 11.27
C SER A 406 24.96 -5.33 10.03
N VAL A 407 25.99 -4.51 10.22
CA VAL A 407 26.58 -3.75 9.13
C VAL A 407 27.38 -4.68 8.20
N PRO A 408 28.19 -5.63 8.66
CA PRO A 408 28.56 -6.74 7.77
C PRO A 408 27.40 -7.72 7.71
N ARG A 409 27.56 -8.71 6.83
CA ARG A 409 26.56 -9.74 6.49
C ARG A 409 25.26 -9.13 5.94
N PHE A 410 25.27 -7.86 5.59
CA PHE A 410 24.16 -7.21 4.89
C PHE A 410 24.62 -6.67 3.55
N ILE A 411 25.69 -5.86 3.55
CA ILE A 411 26.29 -5.44 2.30
C ILE A 411 27.07 -6.56 1.66
N LYS A 412 27.43 -7.59 2.42
CA LYS A 412 28.03 -8.79 1.83
C LYS A 412 27.02 -9.51 0.95
N TYR A 413 25.75 -9.46 1.30
CA TYR A 413 24.73 -10.15 0.53
C TYR A 413 24.04 -9.26 -0.48
N THR A 414 23.89 -7.97 -0.19
CA THR A 414 23.08 -7.08 -0.99
C THR A 414 23.91 -6.05 -1.73
N GLY A 415 24.71 -5.27 -1.02
CA GLY A 415 25.49 -4.23 -1.64
C GLY A 415 25.25 -2.88 -1.02
N TYR A 416 26.33 -2.20 -0.63
CA TYR A 416 26.25 -0.84 -0.09
C TYR A 416 25.63 0.11 -1.10
N GLY A 417 25.92 -0.11 -2.39
CA GLY A 417 25.29 0.67 -3.43
C GLY A 417 23.79 0.47 -3.54
N ASN A 418 23.26 -0.63 -3.01
CA ASN A 418 21.84 -0.87 -3.06
C ASN A 418 21.15 -0.65 -1.72
N ALA A 419 21.88 -0.53 -0.62
CA ALA A 419 21.25 -0.38 0.69
C ALA A 419 21.81 0.80 1.48
N ALA A 420 22.51 1.71 0.81
CA ALA A 420 23.04 2.89 1.49
C ALA A 420 21.93 3.81 1.96
N GLY A 421 20.77 3.79 1.30
CA GLY A 421 19.65 4.60 1.75
C GLY A 421 19.05 4.09 3.04
N LEU A 422 18.92 2.78 3.17
CA LEU A 422 18.50 2.18 4.43
C LEU A 422 19.49 2.49 5.54
N LEU A 423 20.78 2.33 5.25
CA LEU A 423 21.80 2.59 6.27
C LEU A 423 21.82 4.07 6.66
N ALA A 424 21.59 4.96 5.70
CA ALA A 424 21.52 6.37 5.99
C ALA A 424 20.26 6.75 6.74
N ALA A 425 19.20 5.95 6.61
CA ALA A 425 17.96 6.25 7.31
C ALA A 425 18.11 6.06 8.82
N ARG A 426 18.48 4.85 9.24
CA ARG A 426 18.59 4.54 10.65
C ARG A 426 19.77 3.66 11.00
N GLY A 427 20.64 3.34 10.05
CA GLY A 427 21.60 2.26 10.28
C GLY A 427 22.92 2.68 10.89
N LEU A 428 23.44 3.85 10.51
CA LEU A 428 24.75 4.26 11.01
C LEU A 428 24.55 4.87 12.40
N MET A 429 25.00 4.15 13.43
CA MET A 429 25.05 4.70 14.78
C MET A 429 26.32 4.35 15.53
N ALA A 430 27.15 3.44 15.02
CA ALA A 430 28.34 2.89 15.69
C ALA A 430 27.99 2.35 17.08
N GLY A 431 26.90 1.58 17.13
CA GLY A 431 26.40 1.05 18.37
C GLY A 431 26.49 -0.47 18.44
N GLY A 432 26.44 -1.12 17.28
CA GLY A 432 26.60 -2.56 17.22
C GLY A 432 25.46 -3.32 17.84
N ARG A 433 24.29 -3.30 17.20
CA ARG A 433 23.08 -3.92 17.74
C ARG A 433 22.63 -5.09 16.89
N PRO A 434 23.10 -6.32 17.16
CA PRO A 434 22.39 -7.50 16.65
C PRO A 434 21.34 -7.99 17.63
N GLU A 435 20.97 -7.12 18.57
CA GLU A 435 19.95 -7.33 19.61
C GLU A 435 20.28 -8.48 20.56
N GLY A 436 21.55 -8.89 20.63
CA GLY A 436 22.00 -9.82 21.63
C GLY A 436 21.56 -11.26 21.44
N GLN A 437 20.24 -11.49 21.42
CA GLN A 437 19.66 -12.82 21.40
C GLN A 437 19.76 -13.49 20.05
N TYR A 438 20.10 -12.78 18.99
CA TYR A 438 20.02 -13.36 17.66
C TYR A 438 21.28 -14.16 17.39
N SEP A 439 21.16 -15.15 16.51
CA SEP A 439 22.15 -16.22 16.37
CB SEP A 439 21.58 -17.31 15.46
OG SEP A 439 20.35 -17.77 15.97
C SEP A 439 23.50 -15.77 15.85
O SEP A 439 23.76 -15.79 14.65
P SEP A 439 19.53 -18.52 14.81
O1P SEP A 439 19.71 -17.70 13.43
O2P SEP A 439 17.98 -18.57 15.21
O3P SEP A 439 20.09 -20.02 14.62
N GLU A 440 24.37 -15.38 16.78
CA GLU A 440 25.72 -14.92 16.44
C GLU A 440 26.62 -16.06 15.97
N ASP A 441 26.46 -16.47 14.72
CA ASP A 441 27.26 -17.53 14.14
C ASP A 441 28.31 -16.90 13.22
N GLU A 442 29.59 -17.19 13.50
CA GLU A 442 30.65 -16.76 12.60
C GLU A 442 30.64 -17.51 11.29
N ASP A 443 30.04 -18.69 11.25
CA ASP A 443 30.02 -19.52 10.05
C ASP A 443 29.08 -18.95 9.00
N TPO A 444 29.51 -17.87 8.36
CA TPO A 444 28.79 -17.32 7.23
CB TPO A 444 28.21 -15.95 7.56
CG2 TPO A 444 29.34 -14.94 7.86
OG1 TPO A 444 27.36 -15.49 6.50
P TPO A 444 25.88 -16.08 6.74
O1P TPO A 444 24.80 -15.01 6.24
O2P TPO A 444 25.70 -17.35 5.99
O3P TPO A 444 25.65 -16.35 8.31
C TPO A 444 29.77 -17.29 6.05
O TPO A 444 29.55 -16.60 5.05
N ASP A 445 30.83 -18.08 6.19
CA ASP A 445 31.75 -18.33 5.10
C ASP A 445 31.02 -19.14 4.04
N THR A 446 31.16 -18.72 2.79
CA THR A 446 30.21 -19.11 1.76
C THR A 446 30.57 -20.45 1.12
N GLU A 447 29.79 -20.81 0.10
CA GLU A 447 29.94 -22.12 -0.53
C GLU A 447 31.18 -22.16 -1.41
N GLU A 448 31.30 -21.23 -2.35
CA GLU A 448 32.48 -21.15 -3.19
C GLU A 448 33.60 -20.33 -2.57
N TYR A 449 33.43 -19.89 -1.32
CA TYR A 449 34.43 -19.18 -0.52
C TYR A 449 34.89 -17.90 -1.21
N ARG A 450 33.99 -16.92 -1.16
CA ARG A 450 34.21 -15.55 -1.64
C ARG A 450 35.59 -15.01 -1.23
N GLU A 451 36.19 -14.26 -2.15
CA GLU A 451 37.59 -13.89 -2.04
C GLU A 451 37.74 -12.68 -1.12
N ALA A 452 38.92 -12.06 -1.17
CA ALA A 452 39.37 -11.09 -0.17
C ALA A 452 38.53 -9.81 -0.20
N LYS A 453 38.78 -8.96 0.80
CA LYS A 453 37.94 -7.81 1.05
C LYS A 453 38.07 -6.73 -0.01
N ALA A 454 39.14 -6.74 -0.78
CA ALA A 454 39.32 -5.80 -1.87
C ALA A 454 39.11 -6.43 -3.24
N SER A 455 38.95 -7.75 -3.30
CA SER A 455 38.66 -8.41 -4.57
C SER A 455 37.25 -8.11 -5.03
N ILE A 456 36.26 -8.50 -4.22
CA ILE A 456 34.87 -8.13 -4.50
C ILE A 456 34.70 -6.63 -4.31
N ASN A 457 33.64 -6.11 -4.94
CA ASN A 457 33.32 -4.71 -4.75
C ASN A 457 32.80 -4.49 -3.34
N PRO A 458 33.28 -3.47 -2.64
CA PRO A 458 32.73 -3.19 -1.30
C PRO A 458 31.41 -2.46 -1.35
N VAL A 459 30.99 -2.03 -2.55
CA VAL A 459 29.69 -1.39 -2.74
C VAL A 459 28.79 -2.17 -3.65
N THR A 460 29.31 -3.15 -4.39
CA THR A 460 28.56 -3.88 -5.38
C THR A 460 28.98 -5.34 -5.21
N GLY A 461 28.74 -6.20 -6.19
CA GLY A 461 28.99 -7.61 -6.01
C GLY A 461 30.32 -8.16 -6.47
N ARG A 462 30.28 -8.97 -7.52
CA ARG A 462 31.34 -9.91 -7.86
C ARG A 462 32.55 -9.18 -8.46
N VAL A 463 33.63 -9.94 -8.67
CA VAL A 463 34.82 -9.41 -9.32
C VAL A 463 34.53 -9.12 -10.79
N GLU A 464 34.87 -7.93 -11.25
CA GLU A 464 34.66 -7.58 -12.65
C GLU A 464 35.97 -7.33 -13.39
N GLU A 465 36.77 -6.35 -12.95
CA GLU A 465 38.04 -5.99 -13.56
C GLU A 465 38.82 -5.11 -12.57
N LYS A 466 39.90 -4.52 -13.07
CA LYS A 466 40.69 -3.49 -12.42
C LYS A 466 40.60 -2.20 -13.22
N PRO A 467 40.64 -1.03 -12.58
CA PRO A 467 40.55 0.22 -13.34
C PRO A 467 41.81 0.50 -14.12
N PRO A 468 41.69 0.81 -15.42
CA PRO A 468 42.89 1.04 -16.25
C PRO A 468 43.66 2.31 -15.90
N ASN A 469 42.94 3.45 -15.80
CA ASN A 469 43.45 4.78 -15.50
C ASN A 469 44.60 5.21 -16.40
N PRO A 470 44.35 5.51 -17.68
CA PRO A 470 45.44 5.98 -18.57
C PRO A 470 45.58 7.50 -18.57
N MET A 471 46.11 8.04 -17.47
CA MET A 471 46.19 9.48 -17.31
C MET A 471 47.50 9.87 -16.64
N GLU A 472 47.88 11.14 -16.83
CA GLU A 472 49.06 11.72 -16.21
C GLU A 472 48.90 13.23 -16.15
N GLY A 473 49.22 13.82 -14.99
CA GLY A 473 49.09 15.24 -14.75
C GLY A 473 47.65 15.75 -14.82
N MET A 474 47.54 17.08 -14.77
CA MET A 474 46.31 17.85 -15.01
C MET A 474 45.20 17.46 -14.03
N THR A 475 45.46 17.75 -12.76
CA THR A 475 44.50 17.47 -11.70
C THR A 475 43.71 18.72 -11.36
N GLU A 476 42.90 18.61 -10.30
CA GLU A 476 42.07 19.68 -9.73
C GLU A 476 41.09 20.24 -10.76
N GLU A 477 40.14 19.38 -11.14
CA GLU A 477 39.08 19.77 -12.06
C GLU A 477 37.80 20.16 -11.34
N GLN A 478 37.37 19.36 -10.35
CA GLN A 478 36.11 19.62 -9.66
C GLN A 478 36.24 20.78 -8.69
N LYS A 479 35.93 21.99 -9.15
CA LYS A 479 35.98 23.18 -8.31
C LYS A 479 34.73 24.04 -8.44
N GLU A 480 33.61 23.46 -8.88
CA GLU A 480 32.42 24.24 -9.18
C GLU A 480 31.32 24.11 -8.13
N HIS A 481 31.33 23.06 -7.32
CA HIS A 481 30.20 22.81 -6.44
C HIS A 481 30.22 23.70 -5.21
N GLU A 482 31.40 24.21 -4.81
CA GLU A 482 31.54 24.84 -3.51
C GLU A 482 30.87 26.22 -3.45
N ALA A 483 30.94 27.00 -4.52
CA ALA A 483 30.35 28.33 -4.52
C ALA A 483 28.86 28.30 -4.81
N MET A 484 28.32 27.16 -5.25
CA MET A 484 26.90 27.03 -5.54
C MET A 484 26.14 26.24 -4.48
N LYS A 485 26.84 25.61 -3.55
CA LYS A 485 26.17 24.88 -2.49
C LYS A 485 25.48 25.83 -1.52
N LEU A 486 26.29 26.66 -0.84
CA LEU A 486 25.85 27.73 0.07
C LEU A 486 24.91 27.26 1.19
N ARG B 31 36.04 -1.20 7.04
CA ARG B 31 36.18 -1.29 5.58
C ARG B 31 34.97 -0.64 4.91
N GLU B 32 34.45 0.42 5.53
CA GLU B 32 33.57 1.34 4.82
C GLU B 32 34.47 2.21 3.95
N VAL B 33 34.42 1.98 2.64
CA VAL B 33 35.52 2.37 1.79
C VAL B 33 35.49 3.84 1.37
N LYS B 34 34.33 4.40 1.03
CA LYS B 34 34.33 5.75 0.48
C LYS B 34 32.98 6.42 0.77
N LEU B 35 32.96 7.25 1.81
CA LEU B 35 31.86 8.19 2.00
C LEU B 35 32.32 9.58 1.54
N LEU B 36 32.52 9.68 0.23
CA LEU B 36 32.85 10.97 -0.37
C LEU B 36 31.61 11.82 -0.42
N LEU B 37 31.35 12.55 0.66
CA LEU B 37 30.09 13.26 0.85
C LEU B 37 30.21 14.69 0.36
N LEU B 38 29.07 15.24 -0.07
CA LEU B 38 28.97 16.59 -0.60
C LEU B 38 27.48 16.93 -0.63
N GLY B 39 27.18 18.18 -0.95
CA GLY B 39 25.80 18.61 -0.97
C GLY B 39 25.66 20.11 -1.04
N ALA B 40 24.46 20.54 -1.40
CA ALA B 40 24.07 21.94 -1.28
C ALA B 40 23.85 22.25 0.20
N GLY B 41 24.85 22.86 0.82
CA GLY B 41 25.10 22.85 2.26
C GLY B 41 23.97 23.08 3.25
N GLU B 42 23.40 24.28 3.28
CA GLU B 42 22.33 24.58 4.22
C GLU B 42 20.95 24.41 3.60
N SER B 43 20.87 23.77 2.44
CA SER B 43 19.60 23.48 1.78
C SER B 43 19.55 21.98 1.52
N GLY B 44 19.08 21.23 2.51
CA GLY B 44 18.99 19.80 2.42
C GLY B 44 20.21 19.05 2.93
N LYS B 45 21.41 19.61 2.76
CA LYS B 45 22.62 18.92 3.17
C LYS B 45 22.95 19.13 4.65
N SER B 46 22.32 20.10 5.30
CA SER B 46 22.38 20.16 6.77
C SER B 46 21.75 18.90 7.38
N THR B 47 20.68 18.41 6.75
CA THR B 47 20.06 17.17 7.18
C THR B 47 20.98 15.97 6.97
N ILE B 48 21.74 15.93 5.87
CA ILE B 48 22.58 14.77 5.68
C ILE B 48 23.83 14.83 6.55
N VAL B 49 24.35 16.03 6.85
CA VAL B 49 25.48 16.09 7.77
C VAL B 49 25.01 15.96 9.22
N LYS B 50 23.72 16.11 9.49
CA LYS B 50 23.21 15.75 10.81
C LYS B 50 22.88 14.26 10.89
N GLN B 51 22.55 13.62 9.77
CA GLN B 51 22.16 12.21 9.80
C GLN B 51 23.32 11.25 9.57
N MET B 52 24.47 11.72 9.07
CA MET B 52 25.68 10.90 9.07
C MET B 52 26.45 11.10 10.38
N LYS B 53 25.80 10.66 11.46
CA LYS B 53 26.22 10.85 12.85
C LYS B 53 26.52 12.31 13.18
N ASP B 198 32.89 -5.75 12.27
CA ASP B 198 33.91 -6.08 11.30
C ASP B 198 34.26 -4.86 10.45
N LEU B 199 33.34 -3.90 10.39
CA LEU B 199 33.53 -2.70 9.59
C LEU B 199 33.30 -1.47 10.45
N HIS B 200 34.06 -0.42 10.16
CA HIS B 200 33.92 0.87 10.82
C HIS B 200 34.05 1.95 9.76
N PHE B 201 33.82 3.20 10.15
CA PHE B 201 33.77 4.30 9.18
C PHE B 201 34.27 5.57 9.82
N LYS B 202 34.91 6.41 9.01
CA LYS B 202 35.49 7.67 9.46
C LYS B 202 34.69 8.85 8.94
N MET B 203 34.89 10.01 9.58
CA MET B 203 34.27 11.26 9.17
C MET B 203 35.36 12.14 8.55
N PHE B 204 35.21 12.47 7.27
CA PHE B 204 36.31 13.09 6.54
C PHE B 204 35.79 13.85 5.33
N ASP B 205 36.39 15.02 5.08
CA ASP B 205 36.40 15.73 3.80
C ASP B 205 35.00 16.08 3.31
N VAL B 206 34.36 16.98 4.07
CA VAL B 206 33.05 17.52 3.68
C VAL B 206 33.14 18.57 2.59
N GLY B 207 34.35 18.94 2.17
CA GLY B 207 34.55 20.04 1.24
C GLY B 207 35.80 20.80 1.59
N GLY B 208 36.38 20.45 2.73
CA GLY B 208 37.61 21.07 3.20
C GLY B 208 38.19 20.35 4.40
N ARG B 210 39.59 23.76 2.39
CA ARG B 210 39.86 23.98 0.98
C ARG B 210 41.25 23.49 0.62
N SER B 211 41.40 22.17 0.52
CA SER B 211 42.71 21.57 0.31
C SER B 211 43.12 21.70 -1.16
N GLU B 212 44.41 21.44 -1.41
CA GLU B 212 45.02 21.62 -2.71
C GLU B 212 45.18 20.26 -3.41
N ARG B 213 45.91 20.27 -4.54
CA ARG B 213 46.18 19.05 -5.28
C ARG B 213 47.19 18.16 -4.57
N LYS B 214 47.99 18.71 -3.66
CA LYS B 214 48.89 17.90 -2.85
C LYS B 214 48.16 17.11 -1.78
N LYS B 215 46.90 17.45 -1.49
CA LYS B 215 46.04 16.64 -0.64
C LYS B 215 44.97 15.91 -1.42
N TRP B 216 44.60 16.41 -2.59
CA TRP B 216 43.56 15.80 -3.41
C TRP B 216 44.16 15.22 -4.68
N ILE B 217 45.36 14.62 -4.57
CA ILE B 217 45.95 13.92 -5.70
C ILE B 217 45.10 12.72 -6.08
N HIS B 218 44.83 11.84 -5.12
CA HIS B 218 43.77 10.85 -5.23
C HIS B 218 42.76 11.13 -4.13
N CYS B 219 41.59 11.61 -4.54
CA CYS B 219 40.46 11.77 -3.63
C CYS B 219 40.05 10.38 -3.13
N PHE B 220 40.06 9.41 -4.03
CA PHE B 220 40.08 7.99 -3.69
C PHE B 220 40.76 7.21 -4.80
N GLU B 221 40.61 5.89 -4.78
CA GLU B 221 41.15 5.03 -5.83
C GLU B 221 40.10 4.78 -6.91
N GLY B 222 39.06 5.60 -6.94
CA GLY B 222 37.96 5.38 -7.86
C GLY B 222 36.79 4.69 -7.22
N VAL B 223 36.43 5.06 -5.99
CA VAL B 223 35.42 4.34 -5.23
C VAL B 223 34.24 5.31 -5.11
N THR B 224 33.09 4.80 -4.65
CA THR B 224 31.78 5.45 -4.66
C THR B 224 31.74 6.78 -3.93
N ALA B 225 31.28 7.82 -4.63
CA ALA B 225 31.00 9.11 -4.02
C ALA B 225 29.52 9.17 -3.71
N ILE B 226 29.18 9.23 -2.42
CA ILE B 226 27.81 9.49 -2.00
C ILE B 226 27.46 10.92 -2.41
N ILE B 227 26.53 11.03 -3.36
CA ILE B 227 26.41 12.24 -4.15
C ILE B 227 25.73 13.34 -3.34
N PHE B 228 25.85 14.58 -3.84
CA PHE B 228 25.20 15.75 -3.26
C PHE B 228 23.70 15.56 -3.07
N CYS B 229 23.16 16.24 -2.07
CA CYS B 229 21.71 16.22 -1.86
C CYS B 229 21.06 17.03 -2.98
N VAL B 230 19.89 16.58 -3.41
CA VAL B 230 19.03 17.38 -4.26
C VAL B 230 17.68 17.48 -3.56
N ALA B 231 17.36 18.68 -3.08
CA ALA B 231 16.32 18.85 -2.08
C ALA B 231 14.92 18.80 -2.66
N LEU B 232 14.77 18.78 -3.99
CA LEU B 232 13.48 18.77 -4.69
C LEU B 232 12.59 19.97 -4.37
N SER B 233 13.19 21.03 -3.82
CA SER B 233 12.48 22.23 -3.43
C SER B 233 13.11 23.49 -3.99
N ASP B 234 14.37 23.42 -4.40
CA ASP B 234 15.01 24.46 -5.18
C ASP B 234 14.59 24.45 -6.64
N TYR B 235 13.76 23.47 -7.04
CA TYR B 235 13.29 23.39 -8.42
C TYR B 235 12.41 24.57 -8.78
N ASP B 236 11.72 25.15 -7.81
CA ASP B 236 11.07 26.45 -7.98
C ASP B 236 11.71 27.53 -7.15
N LEU B 237 12.40 27.19 -6.06
CA LEU B 237 13.17 28.16 -5.30
C LEU B 237 14.43 28.47 -6.10
N VAL B 238 14.29 29.39 -7.04
CA VAL B 238 15.37 29.76 -7.93
C VAL B 238 16.34 30.68 -7.19
N LEU B 239 17.63 30.42 -7.32
CA LEU B 239 18.64 31.39 -6.88
C LEU B 239 18.66 32.51 -7.92
N ALA B 240 17.68 33.41 -7.79
CA ALA B 240 17.31 34.32 -8.86
C ALA B 240 17.94 35.70 -8.63
N GLU B 241 19.25 35.76 -8.85
CA GLU B 241 19.90 37.07 -8.89
C GLU B 241 19.53 37.83 -10.16
N ASP B 242 19.18 37.11 -11.23
CA ASP B 242 18.61 37.72 -12.43
C ASP B 242 17.52 36.84 -13.03
N GLU B 243 16.91 35.98 -12.23
CA GLU B 243 16.06 34.86 -12.68
C GLU B 243 16.78 34.04 -13.74
N GLU B 244 18.03 33.68 -13.43
CA GLU B 244 18.93 33.14 -14.42
C GLU B 244 18.65 31.67 -14.71
N MET B 245 18.51 30.85 -13.67
CA MET B 245 18.35 29.41 -13.78
C MET B 245 17.95 28.86 -12.42
N ASN B 246 16.98 27.95 -12.41
CA ASN B 246 16.61 27.24 -11.20
C ASN B 246 17.77 26.37 -10.73
N ARG B 247 17.85 26.17 -9.41
CA ARG B 247 19.01 25.53 -8.84
C ARG B 247 19.10 24.03 -9.14
N MET B 248 17.99 23.39 -9.53
CA MET B 248 18.10 21.99 -9.92
C MET B 248 18.80 21.84 -11.26
N HIS B 249 18.67 22.81 -12.17
CA HIS B 249 19.42 22.75 -13.41
C HIS B 249 20.89 23.01 -13.19
N GLU B 250 21.21 23.88 -12.22
CA GLU B 250 22.59 24.02 -11.78
C GLU B 250 23.10 22.74 -11.14
N SER B 251 22.21 22.02 -10.45
CA SER B 251 22.58 20.72 -9.89
C SER B 251 22.89 19.71 -10.99
N MET B 252 22.10 19.73 -12.07
CA MET B 252 22.42 18.89 -13.22
C MET B 252 23.74 19.29 -13.87
N LYS B 253 24.05 20.58 -13.90
CA LYS B 253 25.32 21.04 -14.47
C LYS B 253 26.51 20.54 -13.66
N LEU B 254 26.46 20.73 -12.34
CA LEU B 254 27.53 20.22 -11.49
C LEU B 254 27.54 18.69 -11.41
N PHE B 255 26.40 18.04 -11.68
CA PHE B 255 26.39 16.60 -11.81
C PHE B 255 27.09 16.16 -13.08
N ASP B 256 26.95 16.93 -14.17
CA ASP B 256 27.68 16.64 -15.39
C ASP B 256 29.18 16.85 -15.19
N SER B 257 29.54 17.81 -14.34
CA SER B 257 30.95 17.98 -13.99
C SER B 257 31.46 16.81 -13.16
N ILE B 258 30.67 16.37 -12.16
CA ILE B 258 31.14 15.36 -11.22
C ILE B 258 31.18 13.98 -11.86
N CYS B 259 30.08 13.56 -12.47
CA CYS B 259 29.92 12.16 -12.87
C CYS B 259 30.74 11.83 -14.11
N ASN B 260 30.75 12.70 -15.11
CA ASN B 260 31.41 12.41 -16.37
C ASN B 260 32.86 12.85 -16.40
N ASN B 261 33.52 12.92 -15.25
CA ASN B 261 34.97 13.14 -15.22
C ASN B 261 35.68 11.83 -15.53
N LYS B 262 36.82 11.94 -16.23
CA LYS B 262 37.59 10.75 -16.57
C LYS B 262 38.31 10.16 -15.36
N TRP B 263 38.46 10.92 -14.28
CA TRP B 263 39.09 10.43 -13.07
C TRP B 263 38.15 9.60 -12.21
N PHE B 264 36.88 9.49 -12.59
CA PHE B 264 35.92 8.64 -11.91
C PHE B 264 35.42 7.59 -12.89
N THR B 265 36.36 6.94 -13.59
CA THR B 265 36.04 6.09 -14.72
C THR B 265 35.21 4.87 -14.29
N ASP B 266 35.76 4.04 -13.43
CA ASP B 266 35.07 2.85 -12.93
C ASP B 266 34.65 3.12 -11.50
N THR B 267 33.46 3.70 -11.33
CA THR B 267 32.97 4.12 -10.02
C THR B 267 31.52 3.68 -9.91
N SER B 268 30.86 4.16 -8.87
CA SER B 268 29.43 4.07 -8.71
C SER B 268 28.96 5.31 -7.99
N ILE B 269 27.71 5.69 -8.19
CA ILE B 269 27.20 6.97 -7.71
C ILE B 269 25.83 6.74 -7.07
N ILE B 270 25.68 7.19 -5.83
CA ILE B 270 24.49 6.96 -5.03
C ILE B 270 23.72 8.27 -4.97
N LEU B 271 22.62 8.36 -5.71
CA LEU B 271 21.77 9.56 -5.67
C LEU B 271 20.89 9.59 -4.42
N PHE B 272 20.91 10.72 -3.73
CA PHE B 272 19.96 11.01 -2.66
C PHE B 272 19.02 12.13 -3.12
N LEU B 273 17.92 11.72 -3.74
CA LEU B 273 16.81 12.61 -3.99
C LEU B 273 16.12 12.87 -2.66
N ASN B 274 16.40 14.01 -2.06
CA ASN B 274 16.05 14.26 -0.67
C ASN B 274 14.87 15.20 -0.57
N LYS B 275 14.25 15.19 0.62
CA LYS B 275 13.12 16.06 1.00
C LYS B 275 11.92 15.88 0.07
N LYS B 276 11.36 14.66 0.14
CA LYS B 276 10.19 14.31 -0.64
C LYS B 276 8.94 15.08 -0.22
N ASP B 277 8.88 15.55 1.03
CA ASP B 277 7.63 16.01 1.63
C ASP B 277 7.11 17.28 0.96
N LEU B 278 7.95 18.30 0.81
CA LEU B 278 7.51 19.53 0.20
C LEU B 278 7.38 19.39 -1.31
N PHE B 279 8.06 18.42 -1.91
CA PHE B 279 7.85 18.11 -3.32
C PHE B 279 6.43 17.56 -3.54
N GLU B 280 6.02 16.62 -2.69
CA GLU B 280 4.65 16.12 -2.70
C GLU B 280 3.65 17.22 -2.38
N GLU B 281 4.01 18.15 -1.48
CA GLU B 281 3.13 19.25 -1.16
C GLU B 281 2.98 20.22 -2.33
N LYS B 282 4.04 20.41 -3.11
CA LYS B 282 4.01 21.37 -4.21
C LYS B 282 3.56 20.78 -5.54
N ILE B 283 3.41 19.45 -5.64
CA ILE B 283 2.85 18.91 -6.88
C ILE B 283 1.35 19.16 -6.99
N LYS B 284 0.68 19.49 -5.88
CA LYS B 284 -0.71 19.93 -5.87
C LYS B 284 -0.82 21.45 -5.96
N LYS B 285 0.13 22.08 -6.63
CA LYS B 285 0.33 23.52 -6.66
C LYS B 285 0.84 23.84 -8.06
N SER B 286 1.55 24.99 -8.19
CA SER B 286 2.26 25.44 -9.38
C SER B 286 3.03 24.30 -10.03
N PRO B 287 2.72 23.99 -11.29
CA PRO B 287 3.13 22.71 -11.87
C PRO B 287 4.58 22.65 -12.27
N LEU B 288 4.97 21.56 -12.92
CA LEU B 288 6.36 21.35 -13.32
C LEU B 288 6.64 21.94 -14.70
N THR B 289 6.20 23.17 -14.91
CA THR B 289 6.71 24.00 -15.98
C THR B 289 7.97 24.72 -15.55
N ILE B 290 8.22 24.76 -14.24
CA ILE B 290 9.34 25.50 -13.69
C ILE B 290 10.64 24.78 -13.98
N CYS B 291 10.60 23.46 -14.15
CA CYS B 291 11.80 22.74 -14.60
C CYS B 291 12.10 23.06 -16.05
N TYR B 292 11.19 22.68 -16.95
CA TYR B 292 11.25 22.96 -18.39
C TYR B 292 9.92 22.58 -19.02
N PRO B 293 9.52 23.22 -20.11
CA PRO B 293 8.35 22.76 -20.88
C PRO B 293 8.59 21.51 -21.72
N GLU B 294 9.73 20.84 -21.59
CA GLU B 294 9.85 19.49 -22.14
C GLU B 294 9.11 18.47 -21.29
N TYR B 295 8.74 18.84 -20.06
CA TYR B 295 8.01 17.94 -19.19
C TYR B 295 6.61 17.69 -19.73
N ALA B 296 6.16 16.44 -19.64
CA ALA B 296 4.87 16.07 -20.20
C ALA B 296 4.05 15.15 -19.30
N GLY B 297 4.46 14.93 -18.06
CA GLY B 297 3.70 14.11 -17.16
C GLY B 297 2.43 14.78 -16.68
N SER B 298 1.61 14.00 -15.98
CA SER B 298 0.28 14.42 -15.58
C SER B 298 0.22 14.95 -14.15
N ASN B 299 1.33 15.53 -13.66
CA ASN B 299 1.41 16.27 -12.40
C ASN B 299 1.04 15.44 -11.18
N THR B 300 1.30 14.14 -11.22
CA THR B 300 1.32 13.36 -9.99
C THR B 300 2.75 13.37 -9.45
N TYR B 301 2.91 12.79 -8.25
CA TYR B 301 4.24 12.69 -7.68
C TYR B 301 5.08 11.65 -8.40
N GLU B 302 4.45 10.53 -8.78
CA GLU B 302 5.16 9.38 -9.31
C GLU B 302 5.85 9.70 -10.63
N GLU B 303 5.10 10.21 -11.61
CA GLU B 303 5.68 10.49 -12.91
C GLU B 303 6.61 11.69 -12.90
N ALA B 304 6.39 12.65 -12.00
CA ALA B 304 7.32 13.77 -11.86
C ALA B 304 8.67 13.30 -11.32
N ALA B 305 8.64 12.50 -10.26
CA ALA B 305 9.89 11.96 -9.73
C ALA B 305 10.53 10.98 -10.69
N ALA B 306 9.73 10.28 -11.50
CA ALA B 306 10.27 9.40 -12.52
C ALA B 306 10.97 10.19 -13.61
N TYR B 307 10.40 11.34 -13.99
CA TYR B 307 11.05 12.20 -14.97
C TYR B 307 12.34 12.78 -14.43
N ILE B 308 12.37 13.16 -13.15
CA ILE B 308 13.57 13.73 -12.57
C ILE B 308 14.66 12.67 -12.46
N GLN B 309 14.29 11.45 -12.08
CA GLN B 309 15.24 10.35 -12.06
C GLN B 309 15.73 10.02 -13.46
N CYS B 310 14.85 10.12 -14.45
CA CYS B 310 15.23 9.83 -15.83
C CYS B 310 16.22 10.85 -16.37
N GLN B 311 16.01 12.13 -16.05
CA GLN B 311 16.96 13.16 -16.46
C GLN B 311 18.30 12.99 -15.76
N PHE B 312 18.28 12.66 -14.46
CA PHE B 312 19.54 12.54 -13.74
C PHE B 312 20.31 11.30 -14.17
N GLU B 313 19.63 10.22 -14.52
CA GLU B 313 20.34 9.04 -14.98
C GLU B 313 20.81 9.17 -16.42
N ASP B 314 19.99 9.70 -17.33
CA ASP B 314 20.41 9.84 -18.72
C ASP B 314 21.18 11.11 -18.98
N LEU B 315 21.48 11.89 -17.94
CA LEU B 315 22.53 12.89 -18.08
C LEU B 315 23.89 12.21 -18.24
N ASN B 316 24.07 11.07 -17.58
CA ASN B 316 25.17 10.18 -17.91
C ASN B 316 24.73 9.25 -19.03
N LYS B 317 25.67 8.87 -19.89
CA LYS B 317 25.32 8.19 -21.12
C LYS B 317 25.94 6.81 -21.30
N ARG B 318 27.09 6.53 -20.69
CA ARG B 318 27.82 5.32 -21.06
C ARG B 318 27.46 4.12 -20.20
N LYS B 319 27.33 4.31 -18.87
CA LYS B 319 26.84 3.37 -17.85
C LYS B 319 27.48 1.99 -17.85
N ASP B 320 28.62 1.82 -18.52
CA ASP B 320 29.25 0.51 -18.60
C ASP B 320 30.11 0.25 -17.38
N THR B 321 31.02 1.18 -17.07
CA THR B 321 31.90 1.07 -15.92
C THR B 321 31.39 1.86 -14.73
N LYS B 322 30.34 2.65 -14.90
CA LYS B 322 29.78 3.44 -13.81
C LYS B 322 28.28 3.16 -13.77
N GLU B 323 27.85 2.34 -12.82
CA GLU B 323 26.45 2.13 -12.56
C GLU B 323 26.01 3.03 -11.41
N ILE B 324 24.80 3.56 -11.51
CA ILE B 324 24.34 4.63 -10.64
C ILE B 324 23.04 4.21 -9.99
N TYR B 325 22.90 4.50 -8.69
CA TYR B 325 21.77 4.06 -7.89
C TYR B 325 21.07 5.26 -7.29
N THR B 326 19.76 5.35 -7.48
CA THR B 326 18.96 6.50 -7.07
C THR B 326 18.11 6.16 -5.85
N HIS B 327 18.06 7.08 -4.89
CA HIS B 327 17.29 6.90 -3.67
C HIS B 327 16.42 8.12 -3.42
N PHE B 328 15.10 7.94 -3.52
CA PHE B 328 14.14 8.94 -3.08
C PHE B 328 13.89 8.72 -1.59
N THR B 329 14.60 9.48 -0.76
CA THR B 329 14.35 9.36 0.67
C THR B 329 13.23 10.29 1.09
N CYS B 330 12.81 10.15 2.35
CA CYS B 330 11.68 10.90 2.87
C CYS B 330 12.08 11.91 3.93
N ALA B 331 13.20 11.68 4.62
CA ALA B 331 13.70 12.50 5.75
C ALA B 331 12.64 12.62 6.84
N THR B 332 11.94 11.52 7.12
CA THR B 332 10.96 11.49 8.18
C THR B 332 11.63 11.33 9.53
N ASP B 333 10.87 11.61 10.58
CA ASP B 333 11.30 11.29 11.93
C ASP B 333 11.09 9.78 12.13
N THR B 334 12.17 9.03 12.09
CA THR B 334 12.12 7.57 12.08
C THR B 334 12.00 6.95 13.47
N LYS B 335 11.50 7.69 14.45
CA LYS B 335 11.41 7.21 15.83
C LYS B 335 10.22 6.28 15.99
N ASN B 336 9.90 5.94 17.24
CA ASN B 336 8.88 4.95 17.55
C ASN B 336 7.48 5.58 17.52
N VAL B 337 7.09 6.00 16.32
CA VAL B 337 5.72 6.43 16.04
C VAL B 337 5.42 6.09 14.58
N GLN B 338 4.27 5.43 14.37
CA GLN B 338 3.88 4.99 13.04
C GLN B 338 2.59 5.66 12.56
N PHE B 339 2.28 6.84 13.09
CA PHE B 339 1.26 7.68 12.48
C PHE B 339 1.70 8.16 11.11
N VAL B 340 3.02 8.34 10.91
CA VAL B 340 3.55 8.66 9.60
C VAL B 340 3.46 7.49 8.63
N PHE B 341 3.24 6.27 9.14
CA PHE B 341 3.01 5.08 8.31
C PHE B 341 1.55 4.95 7.85
N ASP B 342 0.78 6.03 7.94
CA ASP B 342 -0.62 6.00 7.53
C ASP B 342 -0.79 5.90 6.02
N ALA B 343 0.25 6.25 5.26
CA ALA B 343 0.09 6.44 3.82
C ALA B 343 -0.19 5.13 3.09
N VAL B 344 0.46 4.04 3.51
CA VAL B 344 0.19 2.74 2.93
C VAL B 344 -1.23 2.28 3.24
N THR B 345 -1.74 2.64 4.42
CA THR B 345 -3.10 2.26 4.79
C THR B 345 -4.12 3.08 4.02
N ASP B 346 -3.82 4.35 3.79
CA ASP B 346 -4.67 5.20 2.98
C ASP B 346 -4.69 4.70 1.54
N VAL B 347 -3.55 4.20 1.06
CA VAL B 347 -3.46 3.67 -0.29
C VAL B 347 -4.30 2.42 -0.44
N ILE B 348 -4.23 1.52 0.53
CA ILE B 348 -5.00 0.29 0.38
C ILE B 348 -6.50 0.53 0.64
N ILE B 349 -6.86 1.53 1.45
CA ILE B 349 -8.26 1.87 1.64
C ILE B 349 -8.83 2.50 0.37
N LYS B 350 -8.10 3.45 -0.21
CA LYS B 350 -8.55 4.09 -1.44
C LYS B 350 -8.56 3.11 -2.61
N ASN B 351 -7.66 2.12 -2.60
CA ASN B 351 -7.68 1.11 -3.64
C ASN B 351 -8.87 0.17 -3.47
N ASN B 352 -9.25 -0.12 -2.23
CA ASN B 352 -10.50 -0.85 -2.01
C ASN B 352 -11.70 -0.04 -2.45
N LEU B 353 -11.63 1.28 -2.28
CA LEU B 353 -12.73 2.14 -2.69
C LEU B 353 -12.85 2.22 -4.21
N LYS B 354 -11.71 2.28 -4.90
CA LYS B 354 -11.74 2.30 -6.36
C LYS B 354 -12.14 0.94 -6.92
N ASP B 355 -11.66 -0.15 -6.31
CA ASP B 355 -11.97 -1.48 -6.79
C ASP B 355 -13.42 -1.87 -6.58
N CYS B 356 -14.08 -1.30 -5.57
CA CYS B 356 -15.50 -1.55 -5.40
C CYS B 356 -16.28 -0.55 -6.24
N GLY B 357 -17.40 -1.00 -6.79
CA GLY B 357 -18.20 -0.17 -7.66
C GLY B 357 -19.66 -0.53 -7.59
N LEU B 358 -20.46 0.19 -8.36
CA LEU B 358 -21.90 -0.04 -8.42
C LEU B 358 -22.21 -1.40 -9.04
N PHE B 359 -23.41 -1.91 -8.76
CA PHE B 359 -23.86 -3.17 -9.35
C PHE B 359 -25.38 -3.23 -9.43
#